data_6RKP
#
_entry.id   6RKP
#
_cell.length_a   132.908
_cell.length_b   223.657
_cell.length_c   86.721
_cell.angle_alpha   90.00
_cell.angle_beta   90.00
_cell.angle_gamma   90.00
#
_symmetry.space_group_name_H-M   'C 2 2 2'
#
loop_
_entity.id
_entity.type
_entity.pdbx_description
1 polymer 'Amine oxidase [flavin-containing] B'
2 non-polymer 'FLAVIN-ADENINE DINUCLEOTIDE'
3 non-polymer 1-[(~{E})-prop-1-enyl]-4-[(~{E})-2-[4-(trifluoromethyl)phenyl]ethenyl]piperidine
4 non-polymer N-DODECYL-N,N-DIMETHYL-3-AMMONIO-1-PROPANESULFONATE
5 non-polymer GLYCEROL
6 water water
#
_entity_poly.entity_id   1
_entity_poly.type   'polypeptide(L)'
_entity_poly.pdbx_seq_one_letter_code
;MSNKCDVVVVGGGISGMAAAKLLHDSGLNVVVLEARDRVGGRTYTLRNQKVKYVDLGGSYVGPTQNRILRLAKELGLETY
KVNEVERLIHHVKGKSYPFRGPFPPVWNPITYLDHNNFWRTMDDMGREIPSDAPWKAPLAEEWDNMTMKELLDKLCWTES
AKQLATLFVNLCVTAETHEVSALWFLWYVKQCGGTTRIISTTNGGQERKFVGGSGQVSERIMDLLGDRVKLERPVIYIDQ
TRENVLVETLNHEMYEAKYVISAIPPTLGMKIHFNPPLPMMRNQMITRVPLGSVIKCIVYYKEPFWRKKDYCGTMIIDGE
EAPVAYTLDDTKPEGNYAAIMGFILAHKARKLARLTKEERLKKLCELYAKVLGSLEALEPVHYEEKNWCEEQYSGGCYTT
YFPPGILTQYGRVLRQPVDRIYFAGTETATHWSGYMEGAVEAGERAAREILHAMGKIPEDEIWQSEPESVDVPAQPITTT
FLERHLPSVPGLLRLIGLTTIFSATALGFLAHKRGLLVRV
;
_entity_poly.pdbx_strand_id   A,B
#
# COMPACT_ATOMS: atom_id res chain seq x y z
N ASN A 3 -22.53 -1.22 28.25
CA ASN A 3 -21.22 -0.75 28.83
C ASN A 3 -20.96 0.69 28.39
N LYS A 4 -21.33 1.66 29.24
CA LYS A 4 -21.29 3.09 28.89
C LYS A 4 -20.07 3.75 29.52
N CYS A 5 -19.44 4.66 28.77
CA CYS A 5 -18.33 5.46 29.26
C CYS A 5 -18.26 6.77 28.46
N ASP A 6 -17.30 7.63 28.79
CA ASP A 6 -17.08 8.88 28.08
C ASP A 6 -16.32 8.65 26.78
N VAL A 7 -15.24 7.84 26.85
CA VAL A 7 -14.34 7.63 25.72
C VAL A 7 -13.89 6.16 25.69
N VAL A 8 -14.04 5.57 24.51
CA VAL A 8 -13.45 4.29 24.21
C VAL A 8 -12.14 4.55 23.46
N VAL A 9 -11.06 3.92 23.95
CA VAL A 9 -9.76 3.94 23.28
C VAL A 9 -9.55 2.56 22.65
N VAL A 10 -9.38 2.53 21.32
CA VAL A 10 -9.13 1.32 20.59
C VAL A 10 -7.62 1.15 20.47
N GLY A 11 -7.09 0.14 21.16
CA GLY A 11 -5.66 -0.15 21.14
C GLY A 11 -4.99 0.22 22.44
N GLY A 12 -4.28 -0.74 23.01
CA GLY A 12 -3.57 -0.61 24.28
C GLY A 12 -2.06 -0.64 24.15
N GLY A 13 -1.53 -0.01 23.09
CA GLY A 13 -0.11 0.28 22.99
C GLY A 13 0.20 1.51 23.81
N ILE A 14 1.43 2.02 23.70
CA ILE A 14 1.83 3.21 24.43
C ILE A 14 0.89 4.39 24.11
N SER A 15 0.51 4.55 22.83
CA SER A 15 -0.29 5.71 22.42
C SER A 15 -1.68 5.68 23.08
N GLY A 16 -2.37 4.54 22.98
CA GLY A 16 -3.68 4.38 23.56
C GLY A 16 -3.62 4.46 25.08
N MET A 17 -2.58 3.89 25.69
CA MET A 17 -2.47 3.89 27.14
C MET A 17 -2.18 5.32 27.62
N ALA A 18 -1.36 6.08 26.88
CA ALA A 18 -1.08 7.47 27.25
C ALA A 18 -2.33 8.34 27.12
N ALA A 19 -3.13 8.10 26.06
CA ALA A 19 -4.40 8.81 25.86
C ALA A 19 -5.35 8.52 27.03
N ALA A 20 -5.50 7.23 27.36
CA ALA A 20 -6.44 6.81 28.40
C ALA A 20 -6.01 7.39 29.75
N LYS A 21 -4.71 7.38 30.04
CA LYS A 21 -4.23 7.88 31.32
C LYS A 21 -4.56 9.37 31.47
N LEU A 22 -4.31 10.15 30.40
CA LEU A 22 -4.57 11.59 30.43
C LEU A 22 -6.07 11.83 30.71
N LEU A 23 -6.94 11.12 29.98
CA LEU A 23 -8.39 11.29 30.10
C LEU A 23 -8.86 10.89 31.51
N HIS A 24 -8.31 9.78 32.02
CA HIS A 24 -8.62 9.26 33.36
C HIS A 24 -8.25 10.30 34.42
N ASP A 25 -7.03 10.84 34.29
CA ASP A 25 -6.49 11.85 35.21
C ASP A 25 -7.36 13.13 35.18
N SER A 26 -7.97 13.42 34.03
CA SER A 26 -8.79 14.62 33.85
C SER A 26 -10.22 14.39 34.41
N GLY A 27 -10.50 13.17 34.88
CA GLY A 27 -11.74 12.82 35.56
C GLY A 27 -12.80 12.22 34.65
N LEU A 28 -12.43 11.78 33.43
CA LEU A 28 -13.40 11.10 32.54
C LEU A 28 -13.38 9.59 32.80
N ASN A 29 -14.45 8.94 32.35
CA ASN A 29 -14.61 7.49 32.39
C ASN A 29 -14.16 6.92 31.04
N VAL A 30 -13.08 6.13 31.07
CA VAL A 30 -12.48 5.60 29.85
C VAL A 30 -12.46 4.08 29.91
N VAL A 31 -12.54 3.48 28.72
CA VAL A 31 -12.31 2.06 28.52
C VAL A 31 -11.25 1.91 27.44
N VAL A 32 -10.33 0.96 27.61
CA VAL A 32 -9.33 0.60 26.59
C VAL A 32 -9.69 -0.79 26.08
N LEU A 33 -9.97 -0.89 24.78
CA LEU A 33 -10.23 -2.18 24.15
C LEU A 33 -8.98 -2.63 23.39
N GLU A 34 -8.38 -3.73 23.84
CA GLU A 34 -7.12 -4.23 23.29
C GLU A 34 -7.35 -5.62 22.71
N ALA A 35 -6.91 -5.84 21.47
CA ALA A 35 -7.08 -7.09 20.72
C ALA A 35 -6.35 -8.27 21.37
N ARG A 36 -5.13 -8.04 21.88
CA ARG A 36 -4.25 -9.11 22.35
C ARG A 36 -4.54 -9.42 23.83
N ASP A 37 -3.88 -10.48 24.34
CA ASP A 37 -3.93 -10.89 25.74
C ASP A 37 -2.94 -10.08 26.60
N ARG A 38 -2.39 -9.00 26.03
CA ARG A 38 -1.37 -8.18 26.69
C ARG A 38 -1.51 -6.74 26.17
N VAL A 39 -1.03 -5.77 26.95
CA VAL A 39 -0.83 -4.39 26.48
C VAL A 39 0.61 -4.23 25.98
N GLY A 40 0.88 -3.12 25.28
CA GLY A 40 2.24 -2.74 24.84
C GLY A 40 2.40 -2.69 23.33
N GLY A 41 1.64 -3.51 22.60
CA GLY A 41 1.62 -3.47 21.12
C GLY A 41 2.98 -3.79 20.51
N ARG A 42 3.56 -2.80 19.82
CA ARG A 42 4.90 -2.93 19.18
C ARG A 42 6.04 -2.84 20.23
N THR A 43 5.71 -2.67 21.52
CA THR A 43 6.64 -2.93 22.63
C THR A 43 6.24 -4.25 23.28
N TYR A 44 7.23 -5.06 23.63
CA TYR A 44 7.03 -6.33 24.28
C TYR A 44 8.32 -6.72 24.99
N THR A 45 8.25 -6.87 26.32
CA THR A 45 9.35 -7.29 27.14
C THR A 45 9.11 -8.73 27.58
N LEU A 46 9.93 -9.65 27.05
CA LEU A 46 9.94 -11.07 27.42
C LEU A 46 10.70 -11.23 28.74
N ARG A 47 10.16 -12.04 29.68
CA ARG A 47 10.87 -12.37 30.93
C ARG A 47 10.99 -13.89 31.07
N ASN A 48 12.22 -14.37 31.30
CA ASN A 48 12.49 -15.77 31.65
C ASN A 48 13.83 -15.78 32.40
N GLN A 49 14.26 -16.95 32.88
CA GLN A 49 15.41 -17.02 33.76
C GLN A 49 16.72 -16.87 32.96
N LYS A 50 16.69 -17.21 31.68
CA LYS A 50 17.88 -17.13 30.84
C LYS A 50 18.25 -15.68 30.48
N VAL A 51 17.26 -14.80 30.34
CA VAL A 51 17.53 -13.42 29.84
C VAL A 51 17.25 -12.38 30.93
N LYS A 52 16.56 -12.80 32.00
CA LYS A 52 15.95 -11.94 33.00
C LYS A 52 14.81 -11.12 32.36
N TYR A 53 15.15 -10.12 31.55
CA TYR A 53 14.17 -9.40 30.72
C TYR A 53 14.82 -9.07 29.38
N VAL A 54 14.03 -8.97 28.30
CA VAL A 54 14.56 -8.48 27.02
C VAL A 54 13.43 -7.84 26.19
N ASP A 55 13.72 -6.66 25.63
CA ASP A 55 12.81 -5.99 24.70
C ASP A 55 12.91 -6.67 23.33
N LEU A 56 11.78 -7.21 22.86
CA LEU A 56 11.69 -7.81 21.53
C LEU A 56 11.07 -6.83 20.52
N GLY A 57 10.53 -5.70 21.00
CA GLY A 57 9.99 -4.63 20.16
C GLY A 57 10.75 -3.34 20.38
N GLY A 58 10.04 -2.21 20.33
CA GLY A 58 10.65 -0.91 20.64
C GLY A 58 11.39 -0.93 21.98
N SER A 59 12.56 -0.28 22.01
CA SER A 59 13.49 -0.39 23.14
C SER A 59 14.18 0.93 23.47
N TYR A 60 14.78 1.56 22.44
CA TYR A 60 15.71 2.67 22.65
C TYR A 60 14.94 3.99 22.81
N VAL A 61 15.49 4.82 23.70
CA VAL A 61 15.07 6.18 23.87
C VAL A 61 16.32 7.05 23.95
N GLY A 62 16.16 8.36 23.70
CA GLY A 62 17.33 9.23 23.75
C GLY A 62 16.98 10.70 23.94
N PRO A 63 18.01 11.57 23.97
CA PRO A 63 17.81 13.01 24.06
C PRO A 63 16.84 13.55 23.00
N THR A 64 16.04 14.52 23.45
CA THR A 64 14.95 15.22 22.75
C THR A 64 13.65 14.38 22.75
N GLN A 65 13.64 13.17 23.31
CA GLN A 65 12.40 12.37 23.41
C GLN A 65 11.79 12.60 24.80
N ASN A 66 11.35 13.83 25.05
CA ASN A 66 11.09 14.27 26.41
C ASN A 66 9.76 13.71 26.93
N ARG A 67 8.82 13.35 26.04
CA ARG A 67 7.48 12.92 26.48
C ARG A 67 7.55 11.49 27.02
N ILE A 68 8.21 10.58 26.29
CA ILE A 68 8.35 9.20 26.78
C ILE A 68 9.19 9.19 28.06
N LEU A 69 10.24 10.02 28.14
CA LEU A 69 11.08 10.06 29.34
C LEU A 69 10.25 10.54 30.56
N ARG A 70 9.42 11.56 30.35
CA ARG A 70 8.58 12.14 31.43
C ARG A 70 7.53 11.12 31.87
N LEU A 71 6.87 10.46 30.90
CA LEU A 71 5.85 9.47 31.23
C LEU A 71 6.47 8.30 32.00
N ALA A 72 7.58 7.77 31.46
CA ALA A 72 8.27 6.65 32.10
C ALA A 72 8.69 7.02 33.55
N LYS A 73 9.24 8.24 33.72
CA LYS A 73 9.74 8.66 35.04
C LYS A 73 8.57 8.76 36.02
N GLU A 74 7.43 9.31 35.57
CA GLU A 74 6.25 9.42 36.42
C GLU A 74 5.77 8.02 36.86
N LEU A 75 5.94 7.00 36.01
CA LEU A 75 5.53 5.63 36.34
C LEU A 75 6.57 4.90 37.22
N GLY A 76 7.68 5.55 37.58
CA GLY A 76 8.71 4.97 38.46
C GLY A 76 9.82 4.23 37.72
N LEU A 77 9.97 4.45 36.40
CA LEU A 77 11.00 3.75 35.59
C LEU A 77 12.28 4.58 35.50
N GLU A 78 13.38 3.89 35.17
CA GLU A 78 14.69 4.51 35.01
C GLU A 78 15.33 4.02 33.69
N THR A 79 16.26 4.81 33.16
CA THR A 79 17.03 4.47 31.98
C THR A 79 18.47 4.10 32.37
N TYR A 80 19.15 3.41 31.44
CA TYR A 80 20.61 3.25 31.49
C TYR A 80 21.15 3.47 30.07
N LYS A 81 22.45 3.74 29.97
CA LYS A 81 23.09 4.03 28.70
C LYS A 81 23.54 2.73 28.01
N VAL A 82 23.20 2.65 26.72
CA VAL A 82 23.68 1.60 25.83
C VAL A 82 25.22 1.72 25.72
N ASN A 83 25.91 0.57 25.73
CA ASN A 83 27.38 0.56 25.71
C ASN A 83 27.93 1.13 24.39
N GLU A 84 28.66 2.25 24.48
CA GLU A 84 29.41 2.81 23.35
C GLU A 84 30.79 3.31 23.82
N VAL A 85 31.41 2.62 24.78
CA VAL A 85 32.71 3.00 25.33
C VAL A 85 33.80 2.71 24.30
N GLU A 86 33.78 1.51 23.72
CA GLU A 86 34.84 1.06 22.82
C GLU A 86 34.47 1.42 21.36
N ARG A 87 35.20 0.85 20.39
CA ARG A 87 35.13 1.24 18.99
C ARG A 87 33.89 0.60 18.32
N LEU A 88 33.27 1.38 17.43
CA LEU A 88 32.25 0.86 16.51
C LEU A 88 32.98 0.14 15.36
N ILE A 89 32.25 -0.70 14.63
CA ILE A 89 32.81 -1.40 13.45
C ILE A 89 31.94 -1.10 12.22
N HIS A 90 32.58 -0.70 11.12
CA HIS A 90 31.97 -0.70 9.77
C HIS A 90 32.53 -1.90 8.99
N HIS A 91 31.66 -2.83 8.60
CA HIS A 91 32.05 -4.00 7.83
C HIS A 91 31.54 -3.83 6.40
N VAL A 92 32.49 -3.77 5.45
CA VAL A 92 32.16 -3.51 4.06
C VAL A 92 33.15 -4.28 3.17
N LYS A 93 32.58 -4.93 2.15
CA LYS A 93 33.26 -5.83 1.22
C LYS A 93 34.11 -6.88 1.99
N GLY A 94 33.53 -7.47 3.04
CA GLY A 94 34.14 -8.63 3.66
C GLY A 94 35.20 -8.30 4.69
N LYS A 95 35.41 -7.00 5.00
CA LYS A 95 36.44 -6.54 5.96
C LYS A 95 35.86 -5.56 6.98
N SER A 96 36.40 -5.59 8.21
CA SER A 96 35.97 -4.71 9.31
C SER A 96 36.95 -3.53 9.49
N TYR A 97 36.38 -2.34 9.71
CA TYR A 97 37.10 -1.09 9.91
C TYR A 97 36.58 -0.43 11.18
N PRO A 98 37.34 -0.49 12.30
CA PRO A 98 36.87 0.11 13.55
C PRO A 98 36.96 1.64 13.45
N PHE A 99 36.07 2.31 14.17
CA PHE A 99 36.02 3.78 14.16
C PHE A 99 35.35 4.29 15.44
N ARG A 100 35.43 5.62 15.61
CA ARG A 100 34.80 6.37 16.68
C ARG A 100 33.96 7.50 16.08
N GLY A 101 32.95 7.93 16.82
CA GLY A 101 32.02 8.95 16.35
C GLY A 101 30.86 8.26 15.64
N PRO A 102 29.78 9.00 15.32
CA PRO A 102 28.57 8.36 14.82
C PRO A 102 28.62 7.86 13.36
N PHE A 103 29.35 8.57 12.49
CA PHE A 103 29.40 8.24 11.05
C PHE A 103 30.67 7.45 10.70
N PRO A 104 30.54 6.34 9.95
CA PRO A 104 31.69 5.61 9.45
C PRO A 104 32.48 6.55 8.54
N PRO A 105 33.78 6.75 8.84
CA PRO A 105 34.62 7.69 8.09
C PRO A 105 35.13 7.07 6.79
N VAL A 106 35.53 7.93 5.85
CA VAL A 106 36.17 7.47 4.62
C VAL A 106 37.40 8.35 4.39
N TRP A 107 38.39 7.79 3.71
CA TRP A 107 39.68 8.44 3.51
C TRP A 107 39.81 8.97 2.08
N ASN A 108 39.29 8.24 1.09
CA ASN A 108 39.43 8.65 -0.29
C ASN A 108 38.81 10.04 -0.45
N PRO A 109 39.57 11.06 -0.91
CA PRO A 109 39.06 12.43 -0.98
C PRO A 109 37.76 12.65 -1.76
N ILE A 110 37.59 12.00 -2.91
CA ILE A 110 36.37 12.13 -3.71
C ILE A 110 35.19 11.53 -2.93
N THR A 111 35.41 10.32 -2.40
CA THR A 111 34.43 9.62 -1.58
C THR A 111 34.07 10.45 -0.36
N TYR A 112 35.07 11.09 0.25
CA TYR A 112 34.86 11.95 1.41
C TYR A 112 33.88 13.07 1.06
N LEU A 113 34.09 13.76 -0.07
CA LEU A 113 33.19 14.85 -0.47
C LEU A 113 31.76 14.32 -0.73
N ASP A 114 31.66 13.15 -1.34
CA ASP A 114 30.36 12.58 -1.70
C ASP A 114 29.58 12.20 -0.43
N HIS A 115 30.26 11.57 0.52
CA HIS A 115 29.65 11.17 1.80
C HIS A 115 29.17 12.44 2.54
N ASN A 116 30.05 13.44 2.63
CA ASN A 116 29.76 14.67 3.35
C ASN A 116 28.51 15.33 2.75
N ASN A 117 28.45 15.37 1.42
CA ASN A 117 27.36 15.99 0.68
C ASN A 117 26.06 15.19 0.85
N PHE A 118 26.15 13.85 0.91
CA PHE A 118 24.95 13.02 1.06
C PHE A 118 24.21 13.42 2.35
N TRP A 119 24.91 13.37 3.50
CA TRP A 119 24.29 13.63 4.80
C TRP A 119 23.80 15.08 4.89
N ARG A 120 24.63 16.02 4.41
CA ARG A 120 24.30 17.43 4.39
C ARG A 120 23.01 17.68 3.59
N THR A 121 22.89 17.02 2.43
CA THR A 121 21.78 17.24 1.52
C THR A 121 20.49 16.67 2.15
N MET A 122 20.58 15.52 2.82
CA MET A 122 19.41 14.95 3.55
C MET A 122 18.84 16.01 4.50
N ASP A 123 19.71 16.69 5.24
CA ASP A 123 19.27 17.66 6.23
C ASP A 123 18.82 18.95 5.52
N ASP A 124 19.51 19.36 4.45
CA ASP A 124 19.14 20.56 3.69
C ASP A 124 17.71 20.43 3.16
N MET A 125 17.42 19.29 2.53
CA MET A 125 16.09 19.03 1.98
C MET A 125 15.07 18.99 3.12
N GLY A 126 15.46 18.35 4.23
CA GLY A 126 14.62 18.26 5.41
C GLY A 126 14.10 19.62 5.87
N ARG A 127 14.95 20.64 5.83
CA ARG A 127 14.57 21.96 6.36
C ARG A 127 13.47 22.61 5.52
N GLU A 128 13.23 22.11 4.30
CA GLU A 128 12.16 22.61 3.45
C GLU A 128 10.80 21.99 3.83
N ILE A 129 10.79 20.98 4.70
CA ILE A 129 9.61 20.16 4.93
C ILE A 129 9.04 20.45 6.31
N PRO A 130 7.82 21.04 6.41
CA PRO A 130 7.19 21.24 7.72
C PRO A 130 6.86 19.90 8.39
N SER A 131 7.23 19.79 9.67
CA SER A 131 7.03 18.58 10.48
C SER A 131 5.54 18.21 10.54
N ASP A 132 4.68 19.23 10.59
CA ASP A 132 3.25 19.02 10.81
C ASP A 132 2.47 19.00 9.49
N ALA A 133 3.14 19.21 8.35
CA ALA A 133 2.47 19.29 7.05
C ALA A 133 3.49 19.06 5.94
N PRO A 134 4.06 17.84 5.82
CA PRO A 134 5.12 17.61 4.83
C PRO A 134 4.71 17.92 3.38
N TRP A 135 3.42 17.76 3.09
CA TRP A 135 2.83 18.00 1.77
C TRP A 135 2.90 19.50 1.39
N LYS A 136 3.26 20.37 2.34
CA LYS A 136 3.37 21.82 2.08
C LYS A 136 4.81 22.22 1.71
N ALA A 137 5.75 21.28 1.69
CA ALA A 137 7.10 21.55 1.16
C ALA A 137 6.97 22.12 -0.26
N PRO A 138 7.77 23.14 -0.62
CA PRO A 138 7.69 23.73 -1.96
C PRO A 138 7.79 22.74 -3.13
N LEU A 139 8.61 21.69 -2.99
CA LEU A 139 8.78 20.68 -4.03
C LEU A 139 8.17 19.34 -3.57
N ALA A 140 7.07 19.41 -2.80
CA ALA A 140 6.49 18.22 -2.18
C ALA A 140 6.16 17.21 -3.28
N GLU A 141 5.50 17.69 -4.34
CA GLU A 141 5.03 16.80 -5.40
C GLU A 141 6.21 16.11 -6.10
N GLU A 142 7.19 16.91 -6.56
CA GLU A 142 8.41 16.37 -7.19
C GLU A 142 9.08 15.32 -6.28
N TRP A 143 9.23 15.64 -4.98
CA TRP A 143 9.93 14.72 -4.05
C TRP A 143 9.08 13.48 -3.75
N ASP A 144 7.76 13.64 -3.73
CA ASP A 144 6.90 12.52 -3.39
C ASP A 144 6.75 11.57 -4.58
N ASN A 145 7.02 12.04 -5.79
CA ASN A 145 6.83 11.25 -7.01
C ASN A 145 8.09 10.43 -7.36
N MET A 146 9.12 10.45 -6.49
CA MET A 146 10.31 9.63 -6.69
C MET A 146 10.53 8.75 -5.44
N THR A 147 11.13 7.59 -5.64
CA THR A 147 11.52 6.71 -4.56
C THR A 147 12.85 7.22 -3.97
N MET A 148 13.20 6.74 -2.77
CA MET A 148 14.52 7.03 -2.23
C MET A 148 15.60 6.44 -3.15
N LYS A 149 15.32 5.34 -3.84
CA LYS A 149 16.32 4.76 -4.73
C LYS A 149 16.68 5.77 -5.83
N GLU A 150 15.65 6.37 -6.42
CA GLU A 150 15.84 7.37 -7.43
C GLU A 150 16.63 8.57 -6.89
N LEU A 151 16.33 9.03 -5.66
CA LEU A 151 17.05 10.18 -5.10
C LEU A 151 18.52 9.84 -4.91
N LEU A 152 18.83 8.64 -4.38
CA LEU A 152 20.22 8.23 -4.14
C LEU A 152 20.99 8.11 -5.47
N ASP A 153 20.33 7.60 -6.51
CA ASP A 153 20.93 7.47 -7.86
C ASP A 153 21.36 8.86 -8.38
N LYS A 154 20.58 9.91 -8.08
CA LYS A 154 20.91 11.26 -8.52
C LYS A 154 22.01 11.89 -7.64
N LEU A 155 21.97 11.63 -6.34
CA LEU A 155 22.74 12.38 -5.34
C LEU A 155 24.14 11.79 -5.09
N CYS A 156 24.27 10.46 -5.16
CA CYS A 156 25.53 9.77 -4.80
C CYS A 156 26.38 9.51 -6.04
N TRP A 157 27.53 10.18 -6.13
CA TRP A 157 28.46 10.06 -7.26
C TRP A 157 29.47 8.93 -7.02
N THR A 158 29.45 8.31 -5.84
CA THR A 158 30.29 7.13 -5.56
C THR A 158 29.40 5.96 -5.12
N GLU A 159 29.86 4.74 -5.41
CA GLU A 159 29.16 3.55 -4.96
C GLU A 159 29.24 3.45 -3.43
N SER A 160 30.36 3.90 -2.85
CA SER A 160 30.55 3.88 -1.40
C SER A 160 29.41 4.63 -0.70
N ALA A 161 29.14 5.87 -1.13
CA ALA A 161 28.10 6.67 -0.50
C ALA A 161 26.73 6.03 -0.75
N LYS A 162 26.48 5.56 -1.98
CA LYS A 162 25.19 4.96 -2.31
C LYS A 162 24.91 3.73 -1.42
N GLN A 163 25.93 2.89 -1.20
CA GLN A 163 25.77 1.68 -0.37
C GLN A 163 25.45 2.04 1.08
N LEU A 164 26.15 3.04 1.64
CA LEU A 164 25.92 3.42 3.03
C LEU A 164 24.53 4.07 3.16
N ALA A 165 24.18 4.94 2.22
CA ALA A 165 22.86 5.61 2.19
C ALA A 165 21.73 4.58 2.13
N THR A 166 21.94 3.50 1.35
CA THR A 166 20.96 2.44 1.20
C THR A 166 20.75 1.74 2.55
N LEU A 167 21.86 1.37 3.20
CA LEU A 167 21.82 0.77 4.53
C LEU A 167 21.09 1.70 5.52
N PHE A 168 21.38 3.01 5.48
CA PHE A 168 20.71 4.02 6.35
C PHE A 168 19.17 3.93 6.24
N VAL A 169 18.68 3.85 5.00
CA VAL A 169 17.26 3.76 4.74
C VAL A 169 16.71 2.43 5.25
N ASN A 170 17.34 1.31 4.85
CA ASN A 170 16.86 -0.03 5.24
C ASN A 170 16.74 -0.10 6.77
N LEU A 171 17.73 0.45 7.46
CA LEU A 171 17.88 0.31 8.91
C LEU A 171 16.88 1.20 9.65
N CYS A 172 16.65 2.41 9.12
CA CYS A 172 15.79 3.40 9.79
C CYS A 172 14.29 3.14 9.53
N VAL A 173 13.90 2.57 8.37
CA VAL A 173 12.46 2.42 8.06
C VAL A 173 12.09 1.00 7.58
N THR A 174 12.99 0.03 7.79
CA THR A 174 12.75 -1.42 7.54
C THR A 174 12.08 -1.65 6.17
N ALA A 175 12.58 -0.95 5.16
CA ALA A 175 12.06 -1.04 3.81
C ALA A 175 13.18 -0.74 2.83
N GLU A 176 12.98 -1.20 1.59
CA GLU A 176 13.92 -1.00 0.49
C GLU A 176 13.80 0.44 0.01
N THR A 177 14.89 0.95 -0.59
CA THR A 177 14.93 2.32 -1.10
C THR A 177 13.90 2.51 -2.21
N HIS A 178 13.62 1.45 -2.98
CA HIS A 178 12.68 1.51 -4.10
C HIS A 178 11.21 1.42 -3.64
N GLU A 179 10.96 1.08 -2.36
CA GLU A 179 9.60 0.93 -1.82
C GLU A 179 9.03 2.25 -1.30
N VAL A 180 9.90 3.19 -0.89
CA VAL A 180 9.48 4.35 -0.09
C VAL A 180 9.62 5.65 -0.89
N SER A 181 8.67 6.56 -0.64
CA SER A 181 8.68 7.94 -1.12
C SER A 181 9.90 8.71 -0.59
N ALA A 182 10.56 9.49 -1.47
CA ALA A 182 11.65 10.35 -1.04
C ALA A 182 11.13 11.43 -0.09
N LEU A 183 10.00 12.08 -0.43
CA LEU A 183 9.44 13.10 0.46
C LEU A 183 9.18 12.53 1.85
N TRP A 184 8.56 11.34 1.90
CA TRP A 184 8.19 10.74 3.19
C TRP A 184 9.46 10.43 4.02
N PHE A 185 10.48 9.84 3.40
CA PHE A 185 11.70 9.49 4.12
C PHE A 185 12.39 10.75 4.65
N LEU A 186 12.50 11.78 3.80
CA LEU A 186 13.13 13.04 4.21
C LEU A 186 12.35 13.67 5.37
N TRP A 187 11.01 13.58 5.34
CA TRP A 187 10.18 14.08 6.42
C TRP A 187 10.53 13.31 7.70
N TYR A 188 10.50 11.98 7.59
CA TYR A 188 10.67 11.09 8.71
C TYR A 188 11.98 11.42 9.47
N VAL A 189 13.07 11.64 8.72
CA VAL A 189 14.39 11.91 9.31
C VAL A 189 14.36 13.31 9.97
N LYS A 190 13.84 14.30 9.24
CA LYS A 190 13.82 15.69 9.75
C LYS A 190 13.01 15.79 11.06
N GLN A 191 11.87 15.09 11.15
CA GLN A 191 10.99 15.18 12.32
C GLN A 191 11.55 14.40 13.51
N CYS A 192 12.68 13.69 13.32
CA CYS A 192 13.43 13.12 14.44
C CYS A 192 14.59 14.03 14.86
N GLY A 193 14.76 15.18 14.19
CA GLY A 193 15.84 16.11 14.50
C GLY A 193 17.03 16.02 13.54
N GLY A 194 16.94 15.22 12.47
CA GLY A 194 17.98 15.21 11.43
C GLY A 194 18.88 13.98 11.49
N THR A 195 19.82 13.90 10.54
CA THR A 195 20.61 12.70 10.31
C THR A 195 21.44 12.34 11.54
N THR A 196 22.14 13.31 12.16
CA THR A 196 23.02 12.97 13.28
C THR A 196 22.21 12.42 14.46
N ARG A 197 21.10 13.07 14.78
CA ARG A 197 20.30 12.69 15.92
C ARG A 197 19.72 11.28 15.72
N ILE A 198 19.29 10.97 14.50
CA ILE A 198 18.56 9.72 14.30
C ILE A 198 19.54 8.53 14.33
N ILE A 199 20.77 8.71 13.84
CA ILE A 199 21.72 7.58 13.69
C ILE A 199 22.60 7.40 14.94
N SER A 200 22.61 8.35 15.87
CA SER A 200 23.58 8.32 16.98
C SER A 200 23.08 7.49 18.15
N THR A 201 24.04 6.83 18.81
CA THR A 201 23.85 6.21 20.13
C THR A 201 24.08 7.31 21.18
N THR A 202 25.35 7.60 21.47
CA THR A 202 25.67 8.79 22.27
C THR A 202 25.06 10.03 21.60
N ASN A 203 24.25 10.76 22.37
CA ASN A 203 23.58 12.01 21.96
C ASN A 203 22.51 11.80 20.84
N GLY A 204 22.02 10.58 20.68
CA GLY A 204 20.94 10.35 19.72
C GLY A 204 19.91 9.35 20.20
N GLY A 205 19.16 8.84 19.22
CA GLY A 205 17.99 8.01 19.46
C GLY A 205 18.27 6.70 20.17
N GLN A 206 19.50 6.18 20.06
CA GLN A 206 19.82 4.88 20.65
C GLN A 206 20.63 5.01 21.95
N GLU A 207 20.60 6.17 22.61
CA GLU A 207 21.48 6.42 23.76
C GLU A 207 21.14 5.48 24.93
N ARG A 208 19.83 5.23 25.16
CA ARG A 208 19.40 4.59 26.38
C ARG A 208 18.33 3.52 26.12
N LYS A 209 18.15 2.69 27.15
CA LYS A 209 17.04 1.77 27.29
C LYS A 209 16.47 1.91 28.70
N PHE A 210 15.27 1.37 28.91
CA PHE A 210 14.67 1.32 30.26
C PHE A 210 15.16 0.10 31.02
N VAL A 211 15.56 0.33 32.27
CA VAL A 211 15.81 -0.76 33.22
C VAL A 211 14.52 -1.57 33.39
N GLY A 212 14.59 -2.85 33.04
CA GLY A 212 13.47 -3.78 33.17
C GLY A 212 12.58 -3.88 31.94
N GLY A 213 12.85 -3.07 30.89
CA GLY A 213 12.15 -3.14 29.59
C GLY A 213 11.07 -2.08 29.40
N SER A 214 10.83 -1.72 28.13
CA SER A 214 9.89 -0.68 27.73
C SER A 214 8.43 -1.11 27.91
N GLY A 215 8.18 -2.43 27.90
CA GLY A 215 6.85 -2.98 28.12
C GLY A 215 6.21 -2.52 29.44
N GLN A 216 7.07 -2.18 30.42
CA GLN A 216 6.61 -1.69 31.73
C GLN A 216 5.78 -0.40 31.61
N VAL A 217 6.00 0.40 30.55
CA VAL A 217 5.25 1.65 30.39
C VAL A 217 3.75 1.35 30.26
N SER A 218 3.40 0.45 29.33
CA SER A 218 2.01 0.11 29.11
C SER A 218 1.46 -0.68 30.30
N GLU A 219 2.29 -1.57 30.88
CA GLU A 219 1.86 -2.44 32.00
C GLU A 219 1.48 -1.59 33.22
N ARG A 220 2.30 -0.58 33.53
CA ARG A 220 2.12 0.25 34.72
C ARG A 220 0.92 1.18 34.53
N ILE A 221 0.65 1.60 33.30
CA ILE A 221 -0.59 2.36 33.06
C ILE A 221 -1.82 1.44 33.21
N MET A 222 -1.76 0.20 32.71
CA MET A 222 -2.85 -0.74 32.92
C MET A 222 -3.10 -0.95 34.42
N ASP A 223 -2.03 -1.00 35.23
CA ASP A 223 -2.16 -1.12 36.71
C ASP A 223 -2.93 0.09 37.26
N LEU A 224 -2.61 1.31 36.81
CA LEU A 224 -3.33 2.53 37.23
C LEU A 224 -4.81 2.48 36.84
N LEU A 225 -5.11 1.93 35.66
CA LEU A 225 -6.47 1.98 35.08
C LEU A 225 -7.36 0.84 35.62
N GLY A 226 -6.75 -0.21 36.19
CA GLY A 226 -7.51 -1.35 36.71
C GLY A 226 -8.29 -2.06 35.61
N ASP A 227 -9.57 -2.35 35.89
CA ASP A 227 -10.41 -3.16 35.03
C ASP A 227 -10.92 -2.34 33.82
N ARG A 228 -10.53 -1.07 33.68
CA ARG A 228 -10.93 -0.26 32.53
C ARG A 228 -10.25 -0.76 31.25
N VAL A 229 -9.15 -1.51 31.38
CA VAL A 229 -8.46 -2.14 30.25
C VAL A 229 -9.08 -3.53 30.00
N LYS A 230 -9.59 -3.73 28.77
CA LYS A 230 -10.22 -4.98 28.38
C LYS A 230 -9.33 -5.71 27.36
N LEU A 231 -8.69 -6.79 27.81
CA LEU A 231 -7.83 -7.63 26.96
C LEU A 231 -8.68 -8.63 26.16
N GLU A 232 -8.16 -9.01 24.99
CA GLU A 232 -8.79 -9.94 24.04
C GLU A 232 -10.17 -9.40 23.64
N ARG A 233 -10.22 -8.08 23.41
CA ARG A 233 -11.36 -7.38 22.82
C ARG A 233 -10.95 -6.71 21.50
N PRO A 234 -10.77 -7.47 20.41
CA PRO A 234 -10.55 -6.85 19.10
C PRO A 234 -11.82 -6.14 18.64
N VAL A 235 -11.70 -4.88 18.22
CA VAL A 235 -12.82 -4.10 17.75
C VAL A 235 -13.08 -4.47 16.28
N ILE A 236 -14.37 -4.69 15.96
CA ILE A 236 -14.82 -5.11 14.61
C ILE A 236 -15.76 -4.09 13.96
N TYR A 237 -16.36 -3.18 14.73
CA TYR A 237 -17.46 -2.35 14.22
C TYR A 237 -17.57 -1.07 15.05
N ILE A 238 -17.66 0.07 14.36
CA ILE A 238 -17.91 1.35 14.95
C ILE A 238 -19.11 1.98 14.23
N ASP A 239 -20.14 2.31 15.01
CA ASP A 239 -21.40 2.90 14.53
C ASP A 239 -21.58 4.29 15.14
N GLN A 240 -21.57 5.33 14.27
CA GLN A 240 -21.77 6.72 14.69
C GLN A 240 -23.10 7.29 14.18
N THR A 241 -24.09 6.43 13.89
CA THR A 241 -25.37 6.94 13.31
C THR A 241 -26.28 7.54 14.40
N ARG A 242 -26.06 7.18 15.67
CA ARG A 242 -26.95 7.58 16.78
C ARG A 242 -26.26 8.62 17.67
N GLU A 243 -26.95 9.01 18.75
CA GLU A 243 -26.53 10.06 19.68
C GLU A 243 -25.18 9.71 20.31
N ASN A 244 -25.04 8.46 20.79
CA ASN A 244 -23.79 7.92 21.35
C ASN A 244 -23.15 6.95 20.35
N VAL A 245 -21.81 6.88 20.35
CA VAL A 245 -21.05 5.99 19.46
C VAL A 245 -21.12 4.56 20.03
N LEU A 246 -21.34 3.58 19.14
CA LEU A 246 -21.37 2.17 19.51
C LEU A 246 -20.12 1.48 18.97
N VAL A 247 -19.38 0.79 19.86
CA VAL A 247 -18.18 0.04 19.49
C VAL A 247 -18.38 -1.42 19.87
N GLU A 248 -18.28 -2.30 18.87
CA GLU A 248 -18.49 -3.71 19.06
C GLU A 248 -17.17 -4.47 18.90
N THR A 249 -17.02 -5.54 19.69
CA THR A 249 -15.81 -6.35 19.72
C THR A 249 -16.12 -7.72 19.14
N LEU A 250 -15.05 -8.45 18.78
CA LEU A 250 -15.15 -9.75 18.17
C LEU A 250 -15.83 -10.75 19.11
N ASN A 251 -15.61 -10.59 20.42
CA ASN A 251 -16.09 -11.53 21.44
C ASN A 251 -17.48 -11.11 21.93
N HIS A 252 -18.22 -10.37 21.09
CA HIS A 252 -19.64 -10.15 21.28
C HIS A 252 -19.92 -9.25 22.49
N GLU A 253 -19.19 -8.15 22.64
CA GLU A 253 -19.51 -7.11 23.62
C GLU A 253 -19.77 -5.79 22.89
N MET A 254 -20.61 -4.94 23.48
CA MET A 254 -20.93 -3.62 22.94
C MET A 254 -20.55 -2.57 23.97
N TYR A 255 -19.84 -1.53 23.50
CA TYR A 255 -19.45 -0.40 24.31
C TYR A 255 -20.08 0.85 23.71
N GLU A 256 -20.57 1.73 24.57
CA GLU A 256 -21.21 2.97 24.17
C GLU A 256 -20.42 4.15 24.76
N ALA A 257 -20.12 5.15 23.92
CA ALA A 257 -19.25 6.24 24.33
C ALA A 257 -19.66 7.54 23.64
N LYS A 258 -19.21 8.67 24.18
CA LYS A 258 -19.41 9.95 23.55
C LYS A 258 -18.40 10.14 22.40
N TYR A 259 -17.16 9.65 22.59
CA TYR A 259 -16.08 9.80 21.60
C TYR A 259 -15.21 8.53 21.56
N VAL A 260 -14.46 8.38 20.46
CA VAL A 260 -13.53 7.26 20.30
C VAL A 260 -12.15 7.80 19.90
N ILE A 261 -11.11 7.19 20.47
CA ILE A 261 -9.73 7.35 19.99
C ILE A 261 -9.31 6.05 19.32
N SER A 262 -8.97 6.15 18.03
CA SER A 262 -8.34 5.06 17.30
C SER A 262 -6.82 5.13 17.52
N ALA A 263 -6.26 4.23 18.34
CA ALA A 263 -4.80 4.26 18.67
C ALA A 263 -4.08 3.04 18.07
N ILE A 264 -4.43 2.68 16.84
CA ILE A 264 -3.89 1.52 16.12
C ILE A 264 -3.17 2.03 14.86
N PRO A 265 -2.24 1.25 14.29
CA PRO A 265 -1.59 1.63 13.03
C PRO A 265 -2.64 1.94 11.96
N PRO A 266 -2.46 2.99 11.14
CA PRO A 266 -3.50 3.43 10.22
C PRO A 266 -4.15 2.32 9.37
N THR A 267 -3.34 1.44 8.77
CA THR A 267 -3.89 0.36 7.91
C THR A 267 -4.74 -0.63 8.72
N LEU A 268 -4.46 -0.78 10.02
CA LEU A 268 -5.23 -1.74 10.83
C LEU A 268 -6.66 -1.23 11.07
N GLY A 269 -6.94 0.03 10.73
CA GLY A 269 -8.31 0.56 10.62
C GLY A 269 -9.19 -0.27 9.68
N MET A 270 -8.56 -0.99 8.75
CA MET A 270 -9.27 -1.82 7.76
C MET A 270 -10.01 -2.98 8.45
N LYS A 271 -9.55 -3.37 9.64
CA LYS A 271 -10.12 -4.50 10.37
C LYS A 271 -11.46 -4.13 11.02
N ILE A 272 -11.82 -2.84 10.97
CA ILE A 272 -13.06 -2.32 11.56
C ILE A 272 -14.03 -1.98 10.41
N HIS A 273 -15.29 -2.41 10.57
CA HIS A 273 -16.38 -2.05 9.67
C HIS A 273 -17.03 -0.77 10.21
N PHE A 274 -17.19 0.23 9.36
CA PHE A 274 -17.67 1.53 9.79
C PHE A 274 -19.07 1.80 9.25
N ASN A 275 -19.90 2.38 10.12
CA ASN A 275 -21.24 2.85 9.80
C ASN A 275 -21.41 4.23 10.41
N PRO A 276 -21.63 5.26 9.58
CA PRO A 276 -21.60 5.21 8.12
C PRO A 276 -20.21 4.93 7.56
N PRO A 277 -20.09 4.63 6.25
CA PRO A 277 -18.78 4.38 5.65
C PRO A 277 -17.83 5.56 5.91
N LEU A 278 -16.53 5.27 5.98
CA LEU A 278 -15.53 6.33 6.09
C LEU A 278 -15.66 7.25 4.87
N PRO A 279 -15.29 8.53 5.00
CA PRO A 279 -15.16 9.39 3.83
C PRO A 279 -14.12 8.82 2.86
N MET A 280 -14.30 9.15 1.57
CA MET A 280 -13.52 8.60 0.47
C MET A 280 -12.01 8.66 0.75
N MET A 281 -11.48 9.80 1.21
CA MET A 281 -10.03 9.92 1.28
C MET A 281 -9.46 8.99 2.36
N ARG A 282 -10.13 8.86 3.52
CA ARG A 282 -9.61 7.93 4.53
C ARG A 282 -9.84 6.47 4.09
N ASN A 283 -11.00 6.20 3.48
CA ASN A 283 -11.33 4.85 2.97
C ASN A 283 -10.16 4.31 2.13
N GLN A 284 -9.64 5.15 1.23
CA GLN A 284 -8.53 4.74 0.36
C GLN A 284 -7.18 4.83 1.08
N MET A 285 -6.98 5.82 1.95
CA MET A 285 -5.67 6.04 2.61
C MET A 285 -5.25 4.77 3.37
N ILE A 286 -6.21 4.13 4.03
CA ILE A 286 -5.88 3.02 4.93
C ILE A 286 -5.53 1.73 4.17
N THR A 287 -5.61 1.77 2.82
CA THR A 287 -5.17 0.65 1.94
C THR A 287 -3.78 0.93 1.32
N ARG A 288 -3.19 2.09 1.63
CA ARG A 288 -2.05 2.58 0.90
C ARG A 288 -0.82 2.76 1.83
N VAL A 289 -0.88 2.29 3.08
CA VAL A 289 0.13 2.65 4.10
C VAL A 289 0.58 1.39 4.84
N PRO A 290 1.47 0.57 4.22
CA PRO A 290 1.99 -0.64 4.87
C PRO A 290 3.01 -0.33 5.96
N LEU A 291 3.27 -1.33 6.82
CA LEU A 291 4.40 -1.27 7.78
C LEU A 291 5.58 -2.10 7.24
N GLY A 292 6.79 -1.76 7.71
CA GLY A 292 8.00 -2.42 7.25
C GLY A 292 8.15 -3.82 7.80
N SER A 293 9.29 -4.44 7.47
CA SER A 293 9.57 -5.84 7.74
C SER A 293 10.86 -5.96 8.56
N VAL A 294 10.79 -6.62 9.72
CA VAL A 294 11.99 -6.77 10.53
C VAL A 294 11.86 -7.97 11.49
N ILE A 295 13.00 -8.62 11.73
CA ILE A 295 13.17 -9.62 12.79
C ILE A 295 14.20 -9.06 13.77
N LYS A 296 13.82 -8.95 15.04
CA LYS A 296 14.76 -8.55 16.07
C LYS A 296 15.31 -9.81 16.74
N CYS A 297 16.64 -9.91 16.78
CA CYS A 297 17.37 -11.12 17.19
C CYS A 297 18.38 -10.79 18.29
N ILE A 298 18.37 -11.57 19.39
CA ILE A 298 19.33 -11.34 20.48
C ILE A 298 20.09 -12.66 20.77
N VAL A 299 21.41 -12.62 20.58
CA VAL A 299 22.34 -13.74 20.84
C VAL A 299 23.07 -13.49 22.15
N TYR A 300 22.96 -14.46 23.07
CA TYR A 300 23.54 -14.36 24.40
C TYR A 300 24.87 -15.14 24.44
N TYR A 301 25.80 -14.60 25.23
CA TYR A 301 27.14 -15.11 25.40
C TYR A 301 27.52 -15.12 26.88
N LYS A 302 28.58 -15.88 27.22
CA LYS A 302 29.01 -16.03 28.59
C LYS A 302 29.50 -14.69 29.13
N GLU A 303 30.18 -13.92 28.28
CA GLU A 303 30.79 -12.64 28.61
C GLU A 303 30.73 -11.70 27.40
N PRO A 304 30.82 -10.37 27.61
CA PRO A 304 30.88 -9.41 26.51
C PRO A 304 32.31 -9.32 25.96
N PHE A 305 32.71 -10.40 25.28
CA PHE A 305 34.09 -10.69 24.90
C PHE A 305 34.62 -9.63 23.92
N TRP A 306 33.72 -8.99 23.18
CA TRP A 306 34.06 -7.99 22.16
C TRP A 306 34.71 -6.75 22.81
N ARG A 307 34.34 -6.44 24.06
CA ARG A 307 34.88 -5.30 24.80
C ARG A 307 36.40 -5.49 25.02
N LYS A 308 36.82 -6.74 25.22
CA LYS A 308 38.26 -7.07 25.45
C LYS A 308 39.10 -6.79 24.20
N LYS A 309 38.49 -6.77 23.01
CA LYS A 309 39.15 -6.38 21.75
C LYS A 309 38.94 -4.89 21.41
N ASP A 310 38.39 -4.13 22.36
CA ASP A 310 38.12 -2.70 22.22
C ASP A 310 37.09 -2.46 21.12
N TYR A 311 36.07 -3.32 21.08
CA TYR A 311 34.84 -3.15 20.28
C TYR A 311 33.65 -2.97 21.23
N CYS A 312 32.79 -1.97 20.97
CA CYS A 312 31.68 -1.70 21.89
C CYS A 312 30.54 -2.68 21.63
N GLY A 313 30.50 -3.30 20.45
CA GLY A 313 29.43 -4.24 20.09
C GLY A 313 28.55 -3.72 18.97
N THR A 314 28.76 -2.46 18.58
CA THR A 314 28.08 -1.83 17.46
C THR A 314 28.75 -2.30 16.16
N MET A 315 27.97 -2.89 15.26
CA MET A 315 28.45 -3.31 13.95
C MET A 315 27.46 -2.76 12.91
N ILE A 316 27.99 -2.03 11.92
CA ILE A 316 27.28 -1.57 10.72
C ILE A 316 27.79 -2.40 9.55
N ILE A 317 26.94 -3.32 9.07
CA ILE A 317 27.35 -4.44 8.22
C ILE A 317 26.66 -4.33 6.85
N ASP A 318 27.48 -4.02 5.85
CA ASP A 318 27.07 -3.87 4.47
C ASP A 318 27.48 -5.10 3.65
N GLY A 319 26.48 -5.81 3.14
CA GLY A 319 26.65 -6.93 2.22
C GLY A 319 25.37 -7.74 2.12
N GLU A 320 25.07 -8.22 0.90
CA GLU A 320 23.88 -9.01 0.63
C GLU A 320 23.92 -10.31 1.44
N GLU A 321 25.11 -10.88 1.65
CA GLU A 321 25.25 -12.18 2.34
C GLU A 321 24.99 -12.02 3.84
N ALA A 322 25.17 -10.82 4.38
CA ALA A 322 25.01 -10.61 5.82
C ALA A 322 23.52 -10.63 6.17
N PRO A 323 23.04 -11.57 7.01
CA PRO A 323 21.65 -11.53 7.46
C PRO A 323 21.27 -10.27 8.25
N VAL A 324 22.19 -9.77 9.09
CA VAL A 324 21.98 -8.61 9.97
C VAL A 324 22.81 -7.44 9.45
N ALA A 325 22.21 -6.24 9.35
CA ALA A 325 22.94 -5.06 8.89
C ALA A 325 23.35 -4.14 10.05
N TYR A 326 22.82 -4.37 11.26
CA TYR A 326 23.13 -3.49 12.40
C TYR A 326 22.99 -4.25 13.71
N THR A 327 23.98 -4.05 14.61
CA THR A 327 23.94 -4.60 15.93
C THR A 327 24.28 -3.52 16.96
N LEU A 328 23.82 -3.77 18.20
CA LEU A 328 24.23 -3.04 19.41
C LEU A 328 24.48 -4.05 20.54
N ASP A 329 25.42 -3.71 21.42
CA ASP A 329 25.58 -4.40 22.72
C ASP A 329 24.25 -4.35 23.49
N ASP A 330 23.73 -5.51 23.91
CA ASP A 330 22.46 -5.60 24.69
C ASP A 330 22.70 -6.20 26.09
N THR A 331 23.97 -6.22 26.52
CA THR A 331 24.36 -6.59 27.89
C THR A 331 23.63 -5.72 28.92
N LYS A 332 23.24 -6.32 30.04
CA LYS A 332 22.55 -5.61 31.12
C LYS A 332 23.50 -4.56 31.70
N PRO A 333 23.00 -3.45 32.30
CA PRO A 333 23.88 -2.42 32.87
C PRO A 333 24.81 -2.95 33.96
N GLU A 334 24.40 -4.02 34.66
CA GLU A 334 25.19 -4.65 35.73
C GLU A 334 26.36 -5.44 35.12
N GLY A 335 26.32 -5.70 33.81
CA GLY A 335 27.44 -6.27 33.07
C GLY A 335 27.27 -7.75 32.79
N ASN A 336 26.13 -8.31 33.20
CA ASN A 336 25.82 -9.74 33.02
C ASN A 336 24.78 -9.89 31.90
N TYR A 337 24.42 -11.15 31.62
CA TYR A 337 23.57 -11.53 30.48
C TYR A 337 24.12 -10.87 29.21
N ALA A 338 25.42 -11.07 28.95
CA ALA A 338 26.11 -10.52 27.78
C ALA A 338 25.35 -10.90 26.50
N ALA A 339 25.14 -9.93 25.61
CA ALA A 339 24.30 -10.19 24.45
C ALA A 339 24.59 -9.18 23.34
N ILE A 340 24.35 -9.64 22.10
CA ILE A 340 24.36 -8.81 20.91
C ILE A 340 22.94 -8.81 20.32
N MET A 341 22.36 -7.62 20.15
CA MET A 341 21.07 -7.39 19.48
C MET A 341 21.34 -7.03 18.01
N GLY A 342 20.62 -7.71 17.10
CA GLY A 342 20.72 -7.43 15.67
C GLY A 342 19.35 -7.39 14.99
N PHE A 343 19.25 -6.57 13.95
CA PHE A 343 18.06 -6.46 13.12
C PHE A 343 18.31 -7.11 11.75
N ILE A 344 17.38 -7.99 11.35
CA ILE A 344 17.29 -8.52 9.98
C ILE A 344 16.20 -7.71 9.25
N LEU A 345 16.57 -7.04 8.14
CA LEU A 345 15.76 -5.91 7.59
C LEU A 345 15.16 -6.20 6.20
N ALA A 346 13.93 -5.72 6.03
CA ALA A 346 13.30 -5.55 4.71
C ALA A 346 13.34 -6.89 3.97
N HIS A 347 13.93 -6.98 2.76
CA HIS A 347 13.82 -8.24 1.98
C HIS A 347 14.48 -9.41 2.73
N LYS A 348 15.49 -9.15 3.57
CA LYS A 348 16.15 -10.24 4.34
C LYS A 348 15.24 -10.84 5.41
N ALA A 349 14.36 -10.02 6.01
CA ALA A 349 13.37 -10.53 6.96
C ALA A 349 12.48 -11.55 6.25
N ARG A 350 12.09 -11.20 5.01
CA ARG A 350 11.21 -12.05 4.19
C ARG A 350 11.94 -13.37 3.87
N LYS A 351 13.17 -13.26 3.36
CA LYS A 351 13.97 -14.41 2.89
C LYS A 351 14.31 -15.35 4.06
N LEU A 352 14.84 -14.79 5.16
CA LEU A 352 15.38 -15.62 6.26
C LEU A 352 14.28 -16.13 7.21
N ALA A 353 13.04 -15.63 7.09
CA ALA A 353 11.93 -16.19 7.89
C ALA A 353 11.63 -17.63 7.48
N ARG A 354 12.08 -18.05 6.29
CA ARG A 354 11.91 -19.41 5.76
C ARG A 354 12.72 -20.45 6.56
N LEU A 355 13.73 -20.00 7.30
CA LEU A 355 14.67 -20.87 8.02
C LEU A 355 14.09 -21.22 9.40
N THR A 356 14.72 -22.18 10.09
CA THR A 356 14.38 -22.43 11.47
C THR A 356 15.10 -21.40 12.36
N LYS A 357 14.64 -21.31 13.61
CA LYS A 357 15.26 -20.49 14.62
C LYS A 357 16.73 -20.90 14.81
N GLU A 358 16.99 -22.21 14.84
CA GLU A 358 18.35 -22.73 15.03
C GLU A 358 19.22 -22.36 13.83
N GLU A 359 18.66 -22.41 12.61
CA GLU A 359 19.40 -22.03 11.39
C GLU A 359 19.74 -20.53 11.38
N ARG A 360 18.80 -19.69 11.81
CA ARG A 360 19.05 -18.23 11.91
C ARG A 360 20.15 -17.96 12.95
N LEU A 361 20.08 -18.62 14.11
CA LEU A 361 21.12 -18.42 15.16
C LEU A 361 22.51 -18.72 14.57
N LYS A 362 22.63 -19.82 13.82
CA LYS A 362 23.91 -20.27 13.29
C LYS A 362 24.47 -19.23 12.30
N LYS A 363 23.61 -18.70 11.43
CA LYS A 363 24.03 -17.68 10.45
C LYS A 363 24.47 -16.39 11.15
N LEU A 364 23.75 -15.98 12.20
CA LEU A 364 24.14 -14.76 12.94
C LEU A 364 25.51 -14.97 13.60
N CYS A 365 25.73 -16.11 14.26
CA CYS A 365 27.01 -16.36 14.97
C CYS A 365 28.19 -16.38 14.00
N GLU A 366 28.00 -17.00 12.83
CA GLU A 366 29.03 -17.06 11.80
C GLU A 366 29.37 -15.66 11.26
N LEU A 367 28.35 -14.80 11.10
CA LEU A 367 28.55 -13.43 10.67
C LEU A 367 29.33 -12.65 11.75
N TYR A 368 28.88 -12.77 13.01
CA TYR A 368 29.48 -12.01 14.13
C TYR A 368 30.94 -12.46 14.33
N ALA A 369 31.20 -13.77 14.16
CA ALA A 369 32.58 -14.31 14.29
C ALA A 369 33.49 -13.62 13.27
N LYS A 370 33.02 -13.51 12.02
CA LYS A 370 33.80 -12.86 10.97
C LYS A 370 33.99 -11.36 11.26
N VAL A 371 32.91 -10.66 11.58
CA VAL A 371 32.95 -9.20 11.74
C VAL A 371 33.87 -8.81 12.91
N LEU A 372 33.76 -9.55 14.03
CA LEU A 372 34.53 -9.26 15.26
C LEU A 372 35.91 -9.96 15.24
N GLY A 373 36.19 -10.77 14.21
CA GLY A 373 37.43 -11.57 14.14
C GLY A 373 37.57 -12.44 15.39
N SER A 374 36.46 -13.02 15.83
CA SER A 374 36.40 -13.73 17.13
C SER A 374 35.70 -15.08 17.03
N LEU A 375 36.46 -16.17 17.25
CA LEU A 375 35.87 -17.51 17.37
C LEU A 375 34.88 -17.60 18.54
N GLU A 376 35.00 -16.76 19.58
CA GLU A 376 34.10 -16.86 20.73
C GLU A 376 32.64 -16.58 20.30
N ALA A 377 32.43 -15.88 19.18
CA ALA A 377 31.06 -15.55 18.71
C ALA A 377 30.32 -16.82 18.26
N LEU A 378 31.05 -17.92 18.07
CA LEU A 378 30.45 -19.20 17.65
C LEU A 378 29.96 -20.00 18.86
N GLU A 379 30.06 -19.47 20.09
CA GLU A 379 29.63 -20.19 21.31
C GLU A 379 28.49 -19.47 22.03
N PRO A 380 27.29 -19.32 21.41
CA PRO A 380 26.17 -18.69 22.11
C PRO A 380 25.68 -19.58 23.27
N VAL A 381 25.11 -18.97 24.32
CA VAL A 381 24.53 -19.71 25.46
C VAL A 381 23.00 -19.67 25.38
N HIS A 382 22.44 -18.71 24.63
CA HIS A 382 21.00 -18.53 24.50
C HIS A 382 20.67 -17.65 23.27
N TYR A 383 19.41 -17.70 22.84
CA TYR A 383 18.91 -16.94 21.68
C TYR A 383 17.43 -16.61 21.88
N GLU A 384 17.04 -15.36 21.58
CA GLU A 384 15.63 -14.94 21.49
C GLU A 384 15.45 -14.13 20.21
N GLU A 385 14.25 -14.19 19.62
CA GLU A 385 13.96 -13.40 18.41
C GLU A 385 12.45 -13.16 18.32
N LYS A 386 12.08 -12.16 17.52
CA LYS A 386 10.69 -11.88 17.20
C LYS A 386 10.61 -11.32 15.77
N ASN A 387 9.85 -12.02 14.92
CA ASN A 387 9.51 -11.59 13.58
C ASN A 387 8.20 -10.80 13.63
N TRP A 388 8.28 -9.48 13.44
CA TRP A 388 7.07 -8.64 13.57
C TRP A 388 6.15 -8.71 12.33
N CYS A 389 6.64 -9.29 11.23
CA CYS A 389 5.84 -9.48 9.99
C CYS A 389 4.65 -10.43 10.21
N GLU A 390 4.70 -11.30 11.22
CA GLU A 390 3.65 -12.32 11.40
C GLU A 390 2.50 -11.81 12.30
N GLU A 391 2.58 -10.58 12.81
CA GLU A 391 1.62 -10.08 13.81
C GLU A 391 0.38 -9.46 13.12
N GLN A 392 -0.76 -10.15 13.27
CA GLN A 392 -2.07 -9.68 12.79
C GLN A 392 -2.39 -8.27 13.33
N TYR A 393 -2.04 -7.98 14.58
CA TYR A 393 -2.49 -6.73 15.22
C TYR A 393 -1.36 -5.68 15.31
N SER A 394 -0.27 -5.89 14.54
CA SER A 394 0.76 -4.84 14.27
C SER A 394 0.88 -4.54 12.77
N GLY A 395 1.00 -5.59 11.94
CA GLY A 395 1.19 -5.50 10.47
C GLY A 395 2.65 -5.44 10.05
N GLY A 396 3.56 -5.24 11.03
CA GLY A 396 4.99 -5.06 10.79
C GLY A 396 5.62 -4.21 11.89
N CYS A 397 6.86 -3.78 11.64
CA CYS A 397 7.61 -2.87 12.48
C CYS A 397 8.71 -2.24 11.62
N TYR A 398 9.29 -1.12 12.08
CA TYR A 398 8.93 -0.40 13.30
C TYR A 398 7.63 0.38 13.13
N THR A 399 7.40 0.91 11.92
CA THR A 399 6.33 1.84 11.66
C THR A 399 5.84 1.75 10.21
N THR A 400 4.84 2.59 9.94
CA THR A 400 4.19 2.71 8.66
C THR A 400 5.07 3.53 7.71
N TYR A 401 5.29 3.01 6.49
CA TYR A 401 5.99 3.79 5.44
C TYR A 401 4.99 4.18 4.35
N PHE A 402 5.33 5.26 3.62
CA PHE A 402 4.51 5.77 2.53
C PHE A 402 5.24 5.53 1.21
N PRO A 403 4.66 4.71 0.31
CA PRO A 403 5.17 4.55 -1.05
C PRO A 403 5.01 5.83 -1.86
N PRO A 404 5.69 5.93 -3.03
CA PRO A 404 5.63 7.16 -3.82
C PRO A 404 4.18 7.57 -4.14
N GLY A 405 3.92 8.87 -3.96
CA GLY A 405 2.68 9.51 -4.37
C GLY A 405 1.62 9.62 -3.27
N ILE A 406 1.79 8.92 -2.14
CA ILE A 406 0.72 8.76 -1.18
C ILE A 406 0.66 9.91 -0.16
N LEU A 407 1.82 10.37 0.31
CA LEU A 407 1.83 11.37 1.39
C LEU A 407 1.22 12.69 0.90
N THR A 408 1.50 13.09 -0.35
CA THR A 408 0.92 14.34 -0.89
C THR A 408 -0.59 14.20 -1.17
N GLN A 409 -1.07 13.01 -1.54
CA GLN A 409 -2.47 12.88 -1.93
C GLN A 409 -3.35 12.62 -0.70
N TYR A 410 -2.83 11.89 0.30
CA TYR A 410 -3.64 11.33 1.40
C TYR A 410 -3.16 11.78 2.79
N GLY A 411 -1.97 12.38 2.86
CA GLY A 411 -1.33 12.66 4.14
C GLY A 411 -2.17 13.55 5.06
N ARG A 412 -2.88 14.51 4.46
CA ARG A 412 -3.65 15.48 5.26
C ARG A 412 -4.76 14.79 6.07
N VAL A 413 -5.20 13.57 5.71
CA VAL A 413 -6.34 13.03 6.47
C VAL A 413 -5.88 12.08 7.59
N LEU A 414 -4.56 11.84 7.74
CA LEU A 414 -4.03 10.92 8.78
C LEU A 414 -4.66 11.19 10.16
N ARG A 415 -4.64 12.45 10.62
CA ARG A 415 -5.19 12.74 11.95
C ARG A 415 -6.44 13.63 11.89
N GLN A 416 -7.10 13.70 10.73
CA GLN A 416 -8.38 14.42 10.62
C GLN A 416 -9.49 13.63 11.33
N PRO A 417 -10.19 14.19 12.36
CA PRO A 417 -11.30 13.46 13.00
C PRO A 417 -12.36 13.05 11.98
N VAL A 418 -13.00 11.90 12.23
CA VAL A 418 -14.16 11.46 11.48
C VAL A 418 -15.35 11.44 12.44
N ASP A 419 -16.13 12.54 12.41
CA ASP A 419 -17.24 12.78 13.33
C ASP A 419 -16.72 12.77 14.77
N ARG A 420 -16.93 11.69 15.53
CA ARG A 420 -16.52 11.63 16.95
C ARG A 420 -15.36 10.65 17.16
N ILE A 421 -14.72 10.21 16.07
CA ILE A 421 -13.47 9.42 16.12
C ILE A 421 -12.26 10.34 15.91
N TYR A 422 -11.32 10.29 16.86
CA TYR A 422 -10.05 11.01 16.87
C TYR A 422 -8.92 9.99 16.71
N PHE A 423 -7.79 10.41 16.12
CA PHE A 423 -6.75 9.47 15.70
C PHE A 423 -5.44 9.73 16.47
N ALA A 424 -5.01 8.70 17.20
CA ALA A 424 -3.74 8.66 17.92
C ALA A 424 -2.80 7.72 17.16
N GLY A 425 -1.85 7.09 17.86
CA GLY A 425 -0.86 6.21 17.27
C GLY A 425 0.34 6.99 16.78
N THR A 426 1.53 6.38 16.90
CA THR A 426 2.79 7.06 16.64
C THR A 426 2.79 7.66 15.22
N GLU A 427 2.11 7.01 14.27
CA GLU A 427 2.08 7.47 12.87
C GLU A 427 1.54 8.90 12.74
N THR A 428 0.75 9.39 13.72
CA THR A 428 0.09 10.72 13.65
C THR A 428 0.90 11.80 14.40
N ALA A 429 2.05 11.42 14.97
CA ALA A 429 2.96 12.37 15.68
C ALA A 429 3.69 13.29 14.70
N THR A 430 4.18 14.44 15.22
CA THR A 430 4.97 15.41 14.43
C THR A 430 6.42 15.50 14.94
N HIS A 431 6.75 14.81 16.02
CA HIS A 431 8.12 14.73 16.54
C HIS A 431 8.37 13.28 16.98
N TRP A 432 9.34 12.61 16.34
CA TRP A 432 9.67 11.21 16.54
C TRP A 432 8.45 10.30 16.29
N SER A 433 7.65 10.66 15.27
CA SER A 433 6.73 9.72 14.63
C SER A 433 7.50 8.46 14.27
N GLY A 434 6.90 7.30 14.57
CA GLY A 434 7.50 5.98 14.35
C GLY A 434 8.10 5.38 15.61
N TYR A 435 8.24 6.18 16.67
CA TYR A 435 8.90 5.82 17.93
C TYR A 435 7.90 5.84 19.10
N MET A 436 8.36 5.33 20.24
CA MET A 436 7.61 5.36 21.49
C MET A 436 7.27 6.81 21.87
N GLU A 437 8.21 7.75 21.61
CA GLU A 437 8.01 9.18 21.86
C GLU A 437 6.78 9.69 21.09
N GLY A 438 6.74 9.41 19.78
CA GLY A 438 5.63 9.83 18.92
C GLY A 438 4.31 9.23 19.38
N ALA A 439 4.34 8.01 19.90
CA ALA A 439 3.15 7.39 20.48
C ALA A 439 2.57 8.23 21.63
N VAL A 440 3.44 8.73 22.51
CA VAL A 440 2.99 9.53 23.65
C VAL A 440 2.43 10.87 23.13
N GLU A 441 3.15 11.52 22.21
CA GLU A 441 2.71 12.82 21.66
C GLU A 441 1.30 12.70 21.07
N ALA A 442 1.09 11.66 20.24
CA ALA A 442 -0.17 11.46 19.52
C ALA A 442 -1.34 11.11 20.45
N GLY A 443 -1.08 10.25 21.43
CA GLY A 443 -2.11 9.84 22.38
C GLY A 443 -2.61 11.00 23.21
N GLU A 444 -1.68 11.79 23.74
CA GLU A 444 -2.02 12.93 24.60
C GLU A 444 -2.69 14.03 23.76
N ARG A 445 -2.20 14.25 22.53
CA ARG A 445 -2.82 15.24 21.62
C ARG A 445 -4.26 14.83 21.29
N ALA A 446 -4.50 13.56 20.96
CA ALA A 446 -5.86 13.10 20.61
C ALA A 446 -6.79 13.26 21.83
N ALA A 447 -6.30 12.89 23.02
CA ALA A 447 -7.05 13.01 24.27
C ALA A 447 -7.48 14.47 24.48
N ARG A 448 -6.54 15.40 24.27
CA ARG A 448 -6.84 16.83 24.46
C ARG A 448 -7.78 17.35 23.35
N GLU A 449 -7.75 16.75 22.15
CA GLU A 449 -8.76 17.11 21.10
C GLU A 449 -10.18 16.84 21.63
N ILE A 450 -10.36 15.74 22.34
CA ILE A 450 -11.66 15.38 22.91
C ILE A 450 -11.98 16.33 24.08
N LEU A 451 -11.01 16.60 24.96
CA LEU A 451 -11.22 17.60 26.05
C LEU A 451 -11.69 18.93 25.46
N HIS A 452 -11.08 19.34 24.34
CA HIS A 452 -11.50 20.58 23.68
C HIS A 452 -12.94 20.45 23.15
N ALA A 453 -13.27 19.33 22.47
CA ALA A 453 -14.60 19.13 21.91
C ALA A 453 -15.67 19.19 23.01
N MET A 454 -15.30 18.77 24.22
CA MET A 454 -16.21 18.78 25.36
C MET A 454 -16.25 20.15 26.06
N GLY A 455 -15.41 21.09 25.61
CA GLY A 455 -15.33 22.47 26.18
C GLY A 455 -14.63 22.53 27.52
N LYS A 456 -13.74 21.56 27.80
CA LYS A 456 -13.01 21.51 29.07
C LYS A 456 -11.67 22.25 29.00
N ILE A 457 -11.13 22.42 27.78
CA ILE A 457 -9.89 23.17 27.59
C ILE A 457 -10.03 24.06 26.35
N PRO A 458 -9.33 25.21 26.30
CA PRO A 458 -9.30 26.04 25.10
C PRO A 458 -8.49 25.38 23.97
N GLU A 459 -8.68 25.86 22.75
CA GLU A 459 -8.10 25.24 21.56
C GLU A 459 -6.56 25.29 21.61
N ASP A 460 -6.00 26.37 22.18
CA ASP A 460 -4.56 26.55 22.22
C ASP A 460 -3.88 25.53 23.14
N GLU A 461 -4.65 24.69 23.86
CA GLU A 461 -4.07 23.68 24.76
C GLU A 461 -4.07 22.27 24.13
N ILE A 462 -4.59 22.12 22.89
CA ILE A 462 -4.61 20.81 22.23
C ILE A 462 -3.17 20.32 21.99
N TRP A 463 -2.33 21.19 21.43
CA TRP A 463 -0.90 20.92 21.20
C TRP A 463 -0.11 21.57 22.35
N GLN A 464 0.70 20.76 23.07
CA GLN A 464 1.39 21.18 24.29
C GLN A 464 2.88 20.84 24.17
N SER A 465 3.73 21.85 24.42
CA SER A 465 5.19 21.67 24.44
C SER A 465 5.60 20.85 25.68
N GLU A 466 6.78 20.25 25.63
CA GLU A 466 7.27 19.36 26.70
C GLU A 466 8.58 19.91 27.25
N PRO A 467 8.69 20.13 28.59
CA PRO A 467 9.98 20.52 29.19
C PRO A 467 11.07 19.49 28.91
N GLU A 468 12.31 19.97 28.69
CA GLU A 468 13.48 19.11 28.48
C GLU A 468 13.74 18.28 29.74
N SER A 469 14.02 16.98 29.57
CA SER A 469 14.44 16.07 30.63
C SER A 469 15.69 16.62 31.34
N VAL A 470 15.69 16.56 32.67
CA VAL A 470 16.88 16.95 33.45
C VAL A 470 17.83 15.74 33.53
N ASP A 471 17.31 14.54 33.30
CA ASP A 471 18.10 13.28 33.39
C ASP A 471 18.81 12.97 32.06
N VAL A 472 18.21 13.36 30.93
CA VAL A 472 18.76 13.06 29.60
C VAL A 472 18.85 14.36 28.84
N PRO A 473 19.84 15.23 29.15
CA PRO A 473 19.98 16.51 28.46
C PRO A 473 20.43 16.27 27.01
N ALA A 474 20.00 17.16 26.12
CA ALA A 474 20.29 17.08 24.69
C ALA A 474 21.42 18.06 24.34
N GLN A 475 22.55 17.52 23.90
CA GLN A 475 23.59 18.33 23.28
C GLN A 475 23.08 18.74 21.90
N PRO A 476 23.33 19.99 21.48
CA PRO A 476 22.87 20.45 20.17
C PRO A 476 23.63 19.73 19.06
N ILE A 477 23.02 19.70 17.88
CA ILE A 477 23.69 19.15 16.71
C ILE A 477 24.49 20.27 16.06
N THR A 478 25.79 20.06 15.89
CA THR A 478 26.68 21.09 15.33
C THR A 478 27.35 20.54 14.06
N THR A 479 27.69 21.45 13.15
CA THR A 479 28.52 21.12 11.98
C THR A 479 29.82 21.93 12.06
N THR A 480 30.85 21.44 11.36
CA THR A 480 32.11 22.18 11.20
C THR A 480 32.03 23.04 9.94
N PHE A 481 32.94 24.02 9.85
CA PHE A 481 33.08 24.89 8.68
C PHE A 481 33.22 24.06 7.38
N LEU A 482 34.05 23.03 7.45
CA LEU A 482 34.39 22.21 6.29
C LEU A 482 33.17 21.39 5.86
N GLU A 483 32.45 20.83 6.84
CA GLU A 483 31.22 20.05 6.58
C GLU A 483 30.23 20.93 5.84
N ARG A 484 30.08 22.18 6.29
CA ARG A 484 29.11 23.12 5.71
C ARG A 484 29.52 23.55 4.28
N HIS A 485 30.81 23.72 3.99
CA HIS A 485 31.22 24.45 2.75
C HIS A 485 32.02 23.61 1.75
N LEU A 486 32.45 22.40 2.09
CA LEU A 486 33.15 21.58 1.10
C LEU A 486 32.20 21.31 -0.07
N PRO A 487 32.71 21.30 -1.31
CA PRO A 487 31.87 21.07 -2.49
C PRO A 487 31.40 19.62 -2.57
N SER A 488 30.23 19.43 -3.21
CA SER A 488 29.81 18.12 -3.69
C SER A 488 30.78 17.66 -4.78
N VAL A 489 30.59 16.44 -5.27
CA VAL A 489 31.40 15.96 -6.39
C VAL A 489 31.07 16.78 -7.65
N PRO A 490 29.78 17.00 -8.03
CA PRO A 490 29.48 17.85 -9.17
C PRO A 490 29.95 19.31 -8.97
N GLY A 491 29.82 19.83 -7.75
CA GLY A 491 30.38 21.14 -7.37
C GLY A 491 31.85 21.25 -7.72
N LEU A 492 32.65 20.25 -7.32
CA LEU A 492 34.09 20.19 -7.63
C LEU A 492 34.32 20.13 -9.15
N LEU A 493 33.56 19.29 -9.86
CA LEU A 493 33.72 19.14 -11.32
C LEU A 493 33.40 20.48 -12.01
N ARG A 494 32.39 21.21 -11.51
CA ARG A 494 32.06 22.55 -12.01
C ARG A 494 33.24 23.51 -11.78
N LEU A 495 33.85 23.44 -10.60
CA LEU A 495 35.03 24.25 -10.26
C LEU A 495 36.18 23.93 -11.22
N ILE A 496 36.38 22.65 -11.56
CA ILE A 496 37.46 22.21 -12.47
C ILE A 496 37.23 22.76 -13.89
N GLY A 497 36.02 22.57 -14.41
CA GLY A 497 35.64 23.05 -15.75
C GLY A 497 35.83 24.55 -15.91
N LEU A 498 35.52 25.31 -14.86
CA LEU A 498 35.60 26.80 -14.84
C LEU A 498 37.06 27.26 -14.89
N THR A 499 37.86 26.75 -13.96
CA THR A 499 39.31 27.01 -13.87
C THR A 499 39.94 26.90 -15.26
N THR A 500 39.73 25.73 -15.89
CA THR A 500 40.34 25.38 -17.16
C THR A 500 39.51 25.98 -18.31
N ILE A 501 39.53 27.32 -18.41
CA ILE A 501 38.76 28.08 -19.39
C ILE A 501 39.40 29.49 -19.51
N ASN B 3 -26.05 -23.40 10.36
CA ASN B 3 -25.97 -23.10 8.88
C ASN B 3 -24.78 -23.85 8.28
N LYS B 4 -24.97 -25.14 7.97
CA LYS B 4 -23.86 -25.99 7.48
C LYS B 4 -23.98 -26.12 5.96
N CYS B 5 -22.84 -26.09 5.27
CA CYS B 5 -22.83 -26.32 3.84
C CYS B 5 -21.47 -26.90 3.44
N ASP B 6 -21.29 -27.16 2.14
CA ASP B 6 -20.03 -27.68 1.59
C ASP B 6 -19.00 -26.53 1.47
N VAL B 7 -19.41 -25.40 0.90
CA VAL B 7 -18.50 -24.28 0.59
C VAL B 7 -19.20 -22.95 0.88
N VAL B 8 -18.53 -22.07 1.62
CA VAL B 8 -18.91 -20.68 1.75
C VAL B 8 -18.07 -19.89 0.74
N VAL B 9 -18.74 -19.05 -0.04
CA VAL B 9 -18.09 -18.10 -0.93
C VAL B 9 -18.27 -16.73 -0.29
N VAL B 10 -17.16 -16.05 -0.01
CA VAL B 10 -17.16 -14.71 0.51
C VAL B 10 -17.08 -13.72 -0.66
N GLY B 11 -18.16 -12.98 -0.87
CA GLY B 11 -18.26 -12.02 -1.99
C GLY B 11 -19.13 -12.52 -3.13
N GLY B 12 -20.12 -11.69 -3.51
CA GLY B 12 -21.06 -11.97 -4.58
C GLY B 12 -20.90 -11.02 -5.76
N GLY B 13 -19.64 -10.71 -6.06
CA GLY B 13 -19.27 -10.15 -7.34
C GLY B 13 -19.31 -11.22 -8.42
N ILE B 14 -18.87 -10.88 -9.63
CA ILE B 14 -18.86 -11.88 -10.73
C ILE B 14 -17.99 -13.09 -10.35
N SER B 15 -16.86 -12.90 -9.66
CA SER B 15 -15.95 -14.01 -9.39
C SER B 15 -16.62 -15.01 -8.43
N GLY B 16 -17.15 -14.49 -7.33
CA GLY B 16 -17.82 -15.30 -6.29
C GLY B 16 -19.05 -16.02 -6.84
N MET B 17 -19.83 -15.31 -7.67
CA MET B 17 -21.05 -15.87 -8.30
C MET B 17 -20.67 -16.97 -9.30
N ALA B 18 -19.63 -16.74 -10.13
CA ALA B 18 -19.15 -17.77 -11.06
C ALA B 18 -18.68 -19.03 -10.32
N ALA B 19 -17.94 -18.85 -9.21
CA ALA B 19 -17.45 -19.96 -8.36
C ALA B 19 -18.66 -20.73 -7.80
N ALA B 20 -19.61 -20.00 -7.23
CA ALA B 20 -20.79 -20.59 -6.57
C ALA B 20 -21.64 -21.37 -7.57
N LYS B 21 -21.84 -20.79 -8.76
CA LYS B 21 -22.59 -21.47 -9.82
C LYS B 21 -21.92 -22.79 -10.19
N LEU B 22 -20.59 -22.78 -10.39
CA LEU B 22 -19.89 -24.01 -10.82
C LEU B 22 -20.05 -25.12 -9.75
N LEU B 23 -19.86 -24.76 -8.48
CA LEU B 23 -19.96 -25.72 -7.36
C LEU B 23 -21.39 -26.24 -7.24
N HIS B 24 -22.37 -25.33 -7.34
CA HIS B 24 -23.80 -25.67 -7.29
C HIS B 24 -24.14 -26.64 -8.42
N ASP B 25 -23.68 -26.35 -9.64
CA ASP B 25 -24.01 -27.17 -10.81
C ASP B 25 -23.39 -28.59 -10.67
N SER B 26 -22.29 -28.70 -9.90
CA SER B 26 -21.62 -29.98 -9.69
C SER B 26 -22.27 -30.75 -8.52
N GLY B 27 -23.25 -30.15 -7.84
CA GLY B 27 -24.08 -30.82 -6.84
C GLY B 27 -23.65 -30.55 -5.40
N LEU B 28 -22.78 -29.56 -5.15
CA LEU B 28 -22.44 -29.19 -3.79
C LEU B 28 -23.39 -28.12 -3.26
N ASN B 29 -23.50 -28.06 -1.93
CA ASN B 29 -24.31 -27.07 -1.23
C ASN B 29 -23.43 -25.84 -0.95
N VAL B 30 -23.76 -24.71 -1.60
CA VAL B 30 -22.98 -23.49 -1.49
C VAL B 30 -23.83 -22.41 -0.83
N VAL B 31 -23.14 -21.52 -0.13
CA VAL B 31 -23.71 -20.31 0.39
C VAL B 31 -22.81 -19.16 -0.07
N VAL B 32 -23.40 -18.03 -0.49
CA VAL B 32 -22.65 -16.83 -0.81
C VAL B 32 -22.95 -15.76 0.24
N LEU B 33 -21.89 -15.28 0.90
CA LEU B 33 -22.01 -14.25 1.89
C LEU B 33 -21.56 -12.93 1.25
N GLU B 34 -22.50 -11.98 1.10
CA GLU B 34 -22.28 -10.70 0.41
C GLU B 34 -22.51 -9.55 1.40
N ALA B 35 -21.53 -8.65 1.49
CA ALA B 35 -21.54 -7.56 2.45
C ALA B 35 -22.64 -6.53 2.13
N ARG B 36 -22.83 -6.20 0.85
CA ARG B 36 -23.74 -5.16 0.43
C ARG B 36 -25.18 -5.68 0.37
N ASP B 37 -26.11 -4.74 0.18
CA ASP B 37 -27.54 -5.05 -0.06
C ASP B 37 -27.82 -5.36 -1.54
N ARG B 38 -26.77 -5.68 -2.32
CA ARG B 38 -26.87 -6.06 -3.72
C ARG B 38 -25.70 -6.98 -4.09
N VAL B 39 -25.85 -7.72 -5.19
CA VAL B 39 -24.77 -8.46 -5.81
C VAL B 39 -24.14 -7.60 -6.91
N GLY B 40 -22.99 -8.04 -7.41
CA GLY B 40 -22.35 -7.43 -8.57
C GLY B 40 -20.99 -6.80 -8.28
N GLY B 41 -20.78 -6.33 -7.05
CA GLY B 41 -19.51 -5.71 -6.61
C GLY B 41 -19.12 -4.50 -7.47
N ARG B 42 -17.98 -4.63 -8.17
CA ARG B 42 -17.46 -3.57 -9.03
C ARG B 42 -18.24 -3.46 -10.35
N THR B 43 -19.27 -4.29 -10.54
CA THR B 43 -20.32 -4.03 -11.55
C THR B 43 -21.61 -3.60 -10.84
N TYR B 44 -22.28 -2.62 -11.44
CA TYR B 44 -23.51 -2.05 -10.94
C TYR B 44 -24.29 -1.45 -12.12
N THR B 45 -25.48 -1.96 -12.37
CA THR B 45 -26.35 -1.39 -13.40
C THR B 45 -27.53 -0.68 -12.71
N LEU B 46 -27.62 0.64 -12.91
CA LEU B 46 -28.74 1.45 -12.41
C LEU B 46 -29.84 1.50 -13.49
N ARG B 47 -31.10 1.32 -13.08
CA ARG B 47 -32.27 1.46 -13.98
C ARG B 47 -33.15 2.64 -13.49
N ASN B 48 -33.53 3.53 -14.42
CA ASN B 48 -34.55 4.58 -14.21
C ASN B 48 -35.10 4.98 -15.59
N GLN B 49 -36.19 5.75 -15.62
CA GLN B 49 -36.88 6.08 -16.85
C GLN B 49 -35.97 6.94 -17.74
N LYS B 50 -35.10 7.74 -17.13
CA LYS B 50 -34.29 8.72 -17.89
C LYS B 50 -33.19 8.01 -18.70
N VAL B 51 -32.65 6.90 -18.20
CA VAL B 51 -31.49 6.22 -18.82
C VAL B 51 -31.88 4.85 -19.37
N LYS B 52 -33.04 4.34 -18.94
CA LYS B 52 -33.47 2.94 -19.08
C LYS B 52 -32.59 2.04 -18.20
N TYR B 53 -31.33 1.85 -18.61
CA TYR B 53 -30.30 1.20 -17.77
C TYR B 53 -28.95 1.85 -18.06
N VAL B 54 -28.03 1.86 -17.08
CA VAL B 54 -26.65 2.33 -17.33
C VAL B 54 -25.68 1.56 -16.43
N ASP B 55 -24.56 1.13 -17.01
CA ASP B 55 -23.47 0.52 -16.26
C ASP B 55 -22.67 1.64 -15.60
N LEU B 56 -22.59 1.62 -14.26
CA LEU B 56 -21.80 2.60 -13.51
C LEU B 56 -20.48 1.98 -13.02
N GLY B 57 -20.31 0.68 -13.20
CA GLY B 57 -19.06 0.00 -12.93
C GLY B 57 -18.52 -0.62 -14.20
N GLY B 58 -17.96 -1.82 -14.06
CA GLY B 58 -17.47 -2.59 -15.19
C GLY B 58 -18.55 -2.78 -16.25
N SER B 59 -18.18 -2.60 -17.52
CA SER B 59 -19.17 -2.58 -18.63
C SER B 59 -18.68 -3.30 -19.91
N TYR B 60 -17.46 -3.00 -20.35
CA TYR B 60 -16.99 -3.42 -21.68
C TYR B 60 -16.49 -4.86 -21.68
N VAL B 61 -16.78 -5.55 -22.77
CA VAL B 61 -16.24 -6.87 -23.09
C VAL B 61 -15.83 -6.88 -24.57
N GLY B 62 -14.97 -7.83 -24.92
CA GLY B 62 -14.48 -7.86 -26.25
C GLY B 62 -13.85 -9.20 -26.61
N PRO B 63 -13.37 -9.32 -27.86
CA PRO B 63 -12.72 -10.54 -28.33
C PRO B 63 -11.54 -10.95 -27.44
N THR B 64 -11.44 -12.28 -27.30
CA THR B 64 -10.51 -13.05 -26.47
C THR B 64 -11.00 -13.14 -25.02
N GLN B 65 -12.10 -12.47 -24.64
CA GLN B 65 -12.67 -12.60 -23.30
C GLN B 65 -13.79 -13.66 -23.36
N ASN B 66 -13.39 -14.91 -23.60
CA ASN B 66 -14.35 -15.98 -23.96
C ASN B 66 -15.13 -16.51 -22.75
N ARG B 67 -14.59 -16.41 -21.54
CA ARG B 67 -15.27 -16.94 -20.37
C ARG B 67 -16.48 -16.06 -19.96
N ILE B 68 -16.29 -14.74 -19.90
CA ILE B 68 -17.42 -13.85 -19.54
C ILE B 68 -18.49 -13.93 -20.64
N LEU B 69 -18.07 -14.03 -21.91
CA LEU B 69 -19.03 -14.12 -23.01
C LEU B 69 -19.85 -15.42 -22.91
N ARG B 70 -19.21 -16.53 -22.54
CA ARG B 70 -19.90 -17.85 -22.45
C ARG B 70 -20.87 -17.85 -21.26
N LEU B 71 -20.41 -17.36 -20.11
CA LEU B 71 -21.24 -17.29 -18.91
C LEU B 71 -22.48 -16.42 -19.19
N ALA B 72 -22.26 -15.22 -19.75
CA ALA B 72 -23.35 -14.30 -20.02
C ALA B 72 -24.35 -14.94 -21.01
N LYS B 73 -23.85 -15.58 -22.07
CA LYS B 73 -24.73 -16.22 -23.07
C LYS B 73 -25.60 -17.31 -22.42
N GLU B 74 -25.02 -18.09 -21.51
CA GLU B 74 -25.75 -19.14 -20.81
C GLU B 74 -26.88 -18.57 -19.94
N LEU B 75 -26.67 -17.37 -19.38
CA LEU B 75 -27.65 -16.71 -18.57
C LEU B 75 -28.70 -15.95 -19.40
N GLY B 76 -28.54 -15.92 -20.73
CA GLY B 76 -29.53 -15.39 -21.67
C GLY B 76 -29.26 -13.94 -22.09
N LEU B 77 -28.02 -13.45 -21.88
CA LEU B 77 -27.63 -12.08 -22.24
C LEU B 77 -27.05 -12.06 -23.67
N GLU B 78 -27.09 -10.87 -24.27
CA GLU B 78 -26.62 -10.55 -25.61
C GLU B 78 -25.70 -9.34 -25.50
N THR B 79 -24.81 -9.16 -26.48
CA THR B 79 -23.94 -7.97 -26.55
C THR B 79 -24.36 -7.09 -27.75
N TYR B 80 -23.89 -5.84 -27.75
CA TYR B 80 -23.98 -4.96 -28.90
C TYR B 80 -22.64 -4.24 -29.02
N LYS B 81 -22.37 -3.69 -30.20
CA LYS B 81 -21.09 -3.06 -30.46
C LYS B 81 -21.12 -1.59 -30.05
N VAL B 82 -20.07 -1.18 -29.34
CA VAL B 82 -19.82 0.21 -28.98
C VAL B 82 -19.61 0.96 -30.29
N ASN B 83 -20.19 2.17 -30.41
CA ASN B 83 -20.13 2.90 -31.67
C ASN B 83 -18.70 3.34 -31.98
N GLU B 84 -18.15 2.85 -33.10
CA GLU B 84 -16.83 3.29 -33.62
C GLU B 84 -16.88 3.42 -35.15
N VAL B 85 -18.04 3.82 -35.69
CA VAL B 85 -18.22 3.93 -37.14
C VAL B 85 -17.46 5.15 -37.66
N GLU B 86 -17.61 6.29 -36.97
CA GLU B 86 -17.06 7.57 -37.42
C GLU B 86 -15.67 7.77 -36.78
N ARG B 87 -15.13 8.98 -36.93
CA ARG B 87 -13.75 9.27 -36.56
C ARG B 87 -13.61 9.44 -35.04
N LEU B 88 -12.44 8.99 -34.54
CA LEU B 88 -11.99 9.26 -33.18
C LEU B 88 -11.39 10.68 -33.15
N ILE B 89 -11.28 11.24 -31.94
CA ILE B 89 -10.62 12.53 -31.76
C ILE B 89 -9.47 12.41 -30.77
N HIS B 90 -8.30 12.96 -31.14
CA HIS B 90 -7.24 13.25 -30.18
C HIS B 90 -7.17 14.77 -29.97
N HIS B 91 -7.38 15.23 -28.73
CA HIS B 91 -7.36 16.66 -28.42
C HIS B 91 -6.02 16.98 -27.76
N VAL B 92 -5.21 17.78 -28.46
CA VAL B 92 -3.79 18.03 -28.18
C VAL B 92 -3.59 19.54 -28.18
N LYS B 93 -3.03 20.08 -27.08
CA LYS B 93 -2.72 21.51 -26.98
C LYS B 93 -3.89 22.35 -27.48
N GLY B 94 -5.09 22.01 -26.98
CA GLY B 94 -6.29 22.78 -27.22
C GLY B 94 -6.88 22.70 -28.61
N LYS B 95 -6.52 21.69 -29.42
CA LYS B 95 -7.12 21.52 -30.74
C LYS B 95 -7.46 20.05 -30.95
N SER B 96 -8.58 19.79 -31.67
CA SER B 96 -9.04 18.43 -31.99
C SER B 96 -8.48 17.97 -33.35
N TYR B 97 -7.90 16.76 -33.33
CA TYR B 97 -7.35 16.10 -34.51
C TYR B 97 -8.06 14.78 -34.72
N PRO B 98 -9.01 14.73 -35.68
CA PRO B 98 -9.74 13.49 -35.97
C PRO B 98 -8.81 12.42 -36.56
N PHE B 99 -9.08 11.15 -36.24
CA PHE B 99 -8.29 10.07 -36.79
C PHE B 99 -9.11 8.78 -36.85
N ARG B 100 -8.54 7.79 -37.53
CA ARG B 100 -9.07 6.43 -37.61
C ARG B 100 -7.96 5.44 -37.20
N GLY B 101 -8.38 4.25 -36.80
CA GLY B 101 -7.47 3.23 -36.31
C GLY B 101 -7.25 3.43 -34.81
N PRO B 102 -6.66 2.46 -34.10
CA PRO B 102 -6.66 2.52 -32.64
C PRO B 102 -5.69 3.52 -31.99
N PHE B 103 -4.54 3.79 -32.64
CA PHE B 103 -3.48 4.61 -32.06
C PHE B 103 -3.56 6.02 -32.64
N PRO B 104 -3.51 7.06 -31.78
CA PRO B 104 -3.49 8.43 -32.26
C PRO B 104 -2.22 8.64 -33.07
N PRO B 105 -2.30 9.07 -34.34
CA PRO B 105 -1.12 9.23 -35.18
C PRO B 105 -0.37 10.55 -34.95
N VAL B 106 0.84 10.60 -35.50
CA VAL B 106 1.73 11.67 -35.28
C VAL B 106 2.49 11.89 -36.60
N TRP B 107 2.84 13.16 -36.86
CA TRP B 107 3.32 13.59 -38.18
C TRP B 107 4.82 13.95 -38.17
N ASN B 108 5.32 14.53 -37.07
CA ASN B 108 6.73 14.92 -36.96
C ASN B 108 7.56 13.64 -37.01
N PRO B 109 8.61 13.56 -37.86
CA PRO B 109 9.37 12.30 -38.01
C PRO B 109 10.04 11.81 -36.72
N ILE B 110 10.52 12.72 -35.87
CA ILE B 110 11.20 12.34 -34.62
C ILE B 110 10.16 11.77 -33.63
N THR B 111 9.07 12.51 -33.49
CA THR B 111 7.96 12.14 -32.62
C THR B 111 7.39 10.80 -33.10
N TYR B 112 7.29 10.63 -34.42
CA TYR B 112 6.82 9.36 -35.03
C TYR B 112 7.69 8.18 -34.55
N LEU B 113 9.02 8.32 -34.64
CA LEU B 113 9.92 7.22 -34.21
C LEU B 113 9.74 6.95 -32.70
N ASP B 114 9.63 8.01 -31.90
CA ASP B 114 9.54 7.91 -30.44
C ASP B 114 8.24 7.18 -30.04
N HIS B 115 7.11 7.57 -30.65
CA HIS B 115 5.79 6.95 -30.37
C HIS B 115 5.83 5.47 -30.76
N ASN B 116 6.29 5.22 -32.00
CA ASN B 116 6.38 3.86 -32.53
C ASN B 116 7.22 2.99 -31.58
N ASN B 117 8.35 3.51 -31.12
CA ASN B 117 9.26 2.76 -30.25
C ASN B 117 8.60 2.51 -28.88
N PHE B 118 7.80 3.45 -28.39
CA PHE B 118 7.20 3.31 -27.05
C PHE B 118 6.25 2.10 -27.02
N TRP B 119 5.29 2.08 -27.95
CA TRP B 119 4.31 0.99 -28.00
C TRP B 119 5.01 -0.36 -28.26
N ARG B 120 5.95 -0.37 -29.20
CA ARG B 120 6.69 -1.58 -29.56
C ARG B 120 7.44 -2.12 -28.35
N THR B 121 8.09 -1.22 -27.60
CA THR B 121 8.89 -1.62 -26.43
C THR B 121 8.01 -2.19 -25.31
N MET B 122 6.81 -1.66 -25.09
CA MET B 122 5.88 -2.23 -24.07
C MET B 122 5.61 -3.72 -24.38
N ASP B 123 5.36 -4.02 -25.65
CA ASP B 123 5.07 -5.39 -26.07
C ASP B 123 6.36 -6.25 -26.07
N ASP B 124 7.49 -5.68 -26.49
CA ASP B 124 8.77 -6.42 -26.43
C ASP B 124 9.05 -6.88 -24.99
N MET B 125 8.92 -5.96 -24.03
CA MET B 125 9.18 -6.28 -22.61
C MET B 125 8.17 -7.31 -22.11
N GLY B 126 6.89 -7.16 -22.48
CA GLY B 126 5.85 -8.09 -22.06
C GLY B 126 6.12 -9.53 -22.51
N ARG B 127 6.77 -9.72 -23.66
CA ARG B 127 7.01 -11.08 -24.15
C ARG B 127 7.94 -11.86 -23.22
N GLU B 128 8.67 -11.19 -22.32
CA GLU B 128 9.57 -11.89 -21.39
C GLU B 128 8.92 -12.09 -20.01
N ILE B 129 7.63 -11.77 -19.88
CA ILE B 129 6.95 -11.86 -18.57
C ILE B 129 5.90 -12.97 -18.63
N PRO B 130 6.09 -14.09 -17.90
CA PRO B 130 5.07 -15.14 -17.86
C PRO B 130 3.76 -14.64 -17.23
N SER B 131 2.64 -14.92 -17.91
CA SER B 131 1.31 -14.47 -17.46
C SER B 131 0.99 -15.03 -16.07
N ASP B 132 1.36 -16.29 -15.82
CA ASP B 132 1.04 -16.97 -14.58
C ASP B 132 2.11 -16.80 -13.49
N ALA B 133 3.19 -16.06 -13.77
CA ALA B 133 4.30 -15.88 -12.83
C ALA B 133 5.16 -14.71 -13.27
N PRO B 134 4.68 -13.46 -13.19
CA PRO B 134 5.49 -12.31 -13.60
C PRO B 134 6.80 -12.14 -12.82
N TRP B 135 6.86 -12.61 -11.57
CA TRP B 135 8.08 -12.59 -10.72
C TRP B 135 9.15 -13.52 -11.32
N LYS B 136 8.82 -14.35 -12.31
CA LYS B 136 9.83 -15.19 -12.98
C LYS B 136 10.39 -14.54 -14.26
N ALA B 137 9.99 -13.31 -14.57
CA ALA B 137 10.61 -12.63 -15.69
C ALA B 137 12.11 -12.56 -15.44
N PRO B 138 12.93 -12.68 -16.52
CA PRO B 138 14.39 -12.62 -16.41
C PRO B 138 14.87 -11.38 -15.66
N LEU B 139 14.28 -10.21 -15.96
CA LEU B 139 14.64 -8.96 -15.27
C LEU B 139 13.57 -8.52 -14.25
N ALA B 140 12.97 -9.48 -13.54
CA ALA B 140 11.83 -9.18 -12.67
C ALA B 140 12.20 -8.14 -11.62
N GLU B 141 13.36 -8.29 -10.99
CA GLU B 141 13.75 -7.40 -9.88
C GLU B 141 14.03 -6.00 -10.42
N GLU B 142 14.79 -5.94 -11.50
CA GLU B 142 15.13 -4.67 -12.11
C GLU B 142 13.85 -3.91 -12.48
N TRP B 143 12.88 -4.59 -13.09
CA TRP B 143 11.67 -3.91 -13.57
C TRP B 143 10.71 -3.61 -12.41
N ASP B 144 10.71 -4.45 -11.38
CA ASP B 144 9.80 -4.28 -10.25
C ASP B 144 10.27 -3.13 -9.34
N ASN B 145 11.56 -2.78 -9.42
CA ASN B 145 12.18 -1.80 -8.52
C ASN B 145 12.14 -0.39 -9.11
N MET B 146 11.51 -0.24 -10.27
CA MET B 146 11.29 1.03 -10.95
C MET B 146 9.78 1.29 -10.98
N THR B 147 9.37 2.56 -10.97
CA THR B 147 8.00 2.93 -11.30
C THR B 147 7.84 3.07 -12.82
N MET B 148 6.58 3.10 -13.28
CA MET B 148 6.33 3.40 -14.68
C MET B 148 6.82 4.81 -15.02
N LYS B 149 6.85 5.73 -14.05
CA LYS B 149 7.32 7.08 -14.33
C LYS B 149 8.82 7.04 -14.72
N GLU B 150 9.63 6.28 -13.97
CA GLU B 150 11.06 6.12 -14.28
C GLU B 150 11.27 5.47 -15.65
N LEU B 151 10.52 4.41 -15.95
CA LEU B 151 10.64 3.74 -17.24
C LEU B 151 10.30 4.72 -18.38
N LEU B 152 9.21 5.48 -18.24
CA LEU B 152 8.81 6.42 -19.31
C LEU B 152 9.86 7.51 -19.48
N ASP B 153 10.45 7.96 -18.36
CA ASP B 153 11.52 8.97 -18.39
C ASP B 153 12.72 8.44 -19.19
N LYS B 154 13.05 7.16 -19.07
CA LYS B 154 14.15 6.53 -19.85
C LYS B 154 13.77 6.38 -21.34
N LEU B 155 12.55 5.91 -21.60
CA LEU B 155 12.17 5.40 -22.90
C LEU B 155 11.75 6.52 -23.87
N CYS B 156 11.06 7.54 -23.36
CA CYS B 156 10.42 8.56 -24.19
C CYS B 156 11.34 9.78 -24.37
N TRP B 157 11.84 9.96 -25.59
CA TRP B 157 12.72 11.10 -25.89
C TRP B 157 11.93 12.36 -26.24
N THR B 158 10.61 12.26 -26.45
CA THR B 158 9.76 13.42 -26.75
C THR B 158 8.70 13.57 -25.66
N GLU B 159 8.33 14.82 -25.39
CA GLU B 159 7.25 15.11 -24.43
C GLU B 159 5.93 14.56 -24.96
N SER B 160 5.75 14.59 -26.29
CA SER B 160 4.57 14.06 -26.96
C SER B 160 4.33 12.61 -26.56
N ALA B 161 5.34 11.77 -26.76
CA ALA B 161 5.20 10.34 -26.46
C ALA B 161 5.00 10.15 -24.95
N LYS B 162 5.73 10.91 -24.13
CA LYS B 162 5.69 10.70 -22.68
C LYS B 162 4.28 11.04 -22.14
N GLN B 163 3.67 12.10 -22.67
CA GLN B 163 2.35 12.52 -22.25
C GLN B 163 1.29 11.51 -22.70
N LEU B 164 1.41 10.96 -23.89
CA LEU B 164 0.44 9.94 -24.32
C LEU B 164 0.63 8.65 -23.52
N ALA B 165 1.88 8.23 -23.30
CA ALA B 165 2.16 7.04 -22.48
C ALA B 165 1.63 7.22 -21.06
N THR B 166 1.74 8.44 -20.50
CA THR B 166 1.22 8.73 -19.16
C THR B 166 -0.32 8.56 -19.14
N LEU B 167 -0.98 9.08 -20.18
CA LEU B 167 -2.44 8.96 -20.32
C LEU B 167 -2.81 7.47 -20.36
N PHE B 168 -2.05 6.69 -21.14
CA PHE B 168 -2.24 5.23 -21.28
C PHE B 168 -2.24 4.55 -19.91
N VAL B 169 -1.21 4.83 -19.08
CA VAL B 169 -1.14 4.25 -17.73
C VAL B 169 -2.34 4.70 -16.89
N ASN B 170 -2.56 6.01 -16.80
CA ASN B 170 -3.64 6.58 -16.00
C ASN B 170 -4.99 5.92 -16.34
N LEU B 171 -5.26 5.77 -17.64
CA LEU B 171 -6.56 5.30 -18.16
C LEU B 171 -6.72 3.79 -17.91
N CYS B 172 -5.65 3.03 -18.15
CA CYS B 172 -5.71 1.57 -18.05
C CYS B 172 -5.73 1.10 -16.59
N VAL B 173 -5.08 1.82 -15.65
CA VAL B 173 -4.94 1.25 -14.26
C VAL B 173 -5.26 2.31 -13.18
N THR B 174 -5.90 3.41 -13.57
CA THR B 174 -6.48 4.45 -12.67
C THR B 174 -5.50 4.85 -11.58
N ALA B 175 -4.22 4.98 -11.96
CA ALA B 175 -3.15 5.32 -11.06
C ALA B 175 -2.10 6.12 -11.82
N GLU B 176 -1.34 6.89 -11.05
CA GLU B 176 -0.28 7.71 -11.59
C GLU B 176 0.92 6.82 -11.96
N THR B 177 1.74 7.27 -12.92
CA THR B 177 2.89 6.50 -13.36
C THR B 177 3.88 6.27 -12.20
N HIS B 178 3.98 7.24 -11.29
CA HIS B 178 4.92 7.16 -10.17
C HIS B 178 4.40 6.26 -9.04
N GLU B 179 3.11 5.87 -9.08
CA GLU B 179 2.51 5.02 -8.05
C GLU B 179 2.79 3.53 -8.29
N VAL B 180 2.97 3.11 -9.56
CA VAL B 180 2.90 1.70 -9.97
C VAL B 180 4.29 1.17 -10.39
N SER B 181 4.52 -0.11 -10.06
CA SER B 181 5.65 -0.91 -10.57
C SER B 181 5.63 -1.03 -12.10
N ALA B 182 6.79 -0.84 -12.73
CA ALA B 182 6.95 -1.10 -14.14
C ALA B 182 6.67 -2.57 -14.47
N LEU B 183 7.25 -3.50 -13.69
CA LEU B 183 7.01 -4.94 -13.93
C LEU B 183 5.51 -5.24 -13.89
N TRP B 184 4.81 -4.71 -12.87
CA TRP B 184 3.38 -5.03 -12.71
C TRP B 184 2.58 -4.51 -13.93
N PHE B 185 2.84 -3.26 -14.34
CA PHE B 185 2.10 -2.64 -15.44
C PHE B 185 2.37 -3.41 -16.75
N LEU B 186 3.63 -3.78 -17.00
CA LEU B 186 4.00 -4.52 -18.21
C LEU B 186 3.32 -5.90 -18.21
N TRP B 187 3.27 -6.56 -17.04
CA TRP B 187 2.52 -7.79 -16.91
C TRP B 187 1.04 -7.55 -17.25
N TYR B 188 0.46 -6.51 -16.66
CA TYR B 188 -0.98 -6.25 -16.78
C TYR B 188 -1.35 -6.11 -18.27
N VAL B 189 -0.55 -5.36 -19.04
CA VAL B 189 -0.81 -5.16 -20.46
C VAL B 189 -0.66 -6.48 -21.22
N LYS B 190 0.44 -7.20 -20.94
CA LYS B 190 0.77 -8.44 -21.62
C LYS B 190 -0.35 -9.48 -21.43
N GLN B 191 -0.86 -9.59 -20.20
CA GLN B 191 -1.88 -10.61 -19.89
C GLN B 191 -3.29 -10.22 -20.40
N CYS B 192 -3.48 -9.05 -20.99
CA CYS B 192 -4.68 -8.69 -21.76
C CYS B 192 -4.48 -8.89 -23.27
N GLY B 193 -3.29 -9.37 -23.68
CA GLY B 193 -2.97 -9.64 -25.09
C GLY B 193 -2.14 -8.56 -25.77
N GLY B 194 -1.63 -7.58 -25.01
CA GLY B 194 -0.74 -6.57 -25.55
C GLY B 194 -1.42 -5.21 -25.75
N THR B 195 -0.62 -4.24 -26.20
CA THR B 195 -1.06 -2.84 -26.28
C THR B 195 -2.27 -2.68 -27.23
N THR B 196 -2.18 -3.19 -28.47
CA THR B 196 -3.29 -3.05 -29.46
C THR B 196 -4.59 -3.60 -28.88
N ARG B 197 -4.53 -4.82 -28.32
CA ARG B 197 -5.72 -5.49 -27.83
C ARG B 197 -6.35 -4.70 -26.67
N ILE B 198 -5.52 -4.17 -25.75
CA ILE B 198 -6.06 -3.52 -24.54
C ILE B 198 -6.66 -2.15 -24.89
N ILE B 199 -6.11 -1.42 -25.85
CA ILE B 199 -6.56 -0.02 -26.11
C ILE B 199 -7.64 0.05 -27.20
N SER B 200 -7.93 -1.06 -27.88
CA SER B 200 -8.80 -1.03 -29.07
C SER B 200 -10.27 -1.18 -28.66
N THR B 201 -11.16 -0.47 -29.38
CA THR B 201 -12.60 -0.70 -29.34
C THR B 201 -12.88 -1.82 -30.35
N THR B 202 -12.89 -1.51 -31.66
CA THR B 202 -12.97 -2.57 -32.70
C THR B 202 -11.81 -3.55 -32.51
N ASN B 203 -12.14 -4.84 -32.33
CA ASN B 203 -11.19 -5.95 -32.14
C ASN B 203 -10.38 -5.85 -30.84
N GLY B 204 -10.89 -5.14 -29.80
CA GLY B 204 -10.23 -5.12 -28.51
C GLY B 204 -11.19 -5.12 -27.34
N GLY B 205 -10.66 -4.75 -26.17
CA GLY B 205 -11.35 -4.84 -24.89
C GLY B 205 -12.64 -4.03 -24.84
N GLN B 206 -12.78 -2.97 -25.65
CA GLN B 206 -13.94 -2.10 -25.55
C GLN B 206 -14.93 -2.31 -26.70
N GLU B 207 -14.88 -3.46 -27.38
CA GLU B 207 -15.69 -3.65 -28.58
C GLU B 207 -17.19 -3.63 -28.25
N ARG B 208 -17.58 -4.20 -27.10
CA ARG B 208 -18.98 -4.53 -26.80
C ARG B 208 -19.41 -4.15 -25.38
N LYS B 209 -20.74 -4.06 -25.20
CA LYS B 209 -21.38 -4.00 -23.90
C LYS B 209 -22.53 -4.99 -23.90
N PHE B 210 -23.03 -5.32 -22.71
CA PHE B 210 -24.20 -6.17 -22.60
C PHE B 210 -25.48 -5.35 -22.72
N VAL B 211 -26.42 -5.84 -23.54
CA VAL B 211 -27.78 -5.33 -23.59
C VAL B 211 -28.42 -5.51 -22.21
N GLY B 212 -28.86 -4.39 -21.62
CA GLY B 212 -29.50 -4.35 -20.30
C GLY B 212 -28.54 -4.20 -19.12
N GLY B 213 -27.21 -4.24 -19.35
CA GLY B 213 -26.23 -3.97 -18.29
C GLY B 213 -25.48 -5.22 -17.84
N SER B 214 -24.22 -5.04 -17.41
CA SER B 214 -23.38 -6.15 -16.94
C SER B 214 -23.84 -6.67 -15.57
N GLY B 215 -24.55 -5.85 -14.79
CA GLY B 215 -25.08 -6.26 -13.46
C GLY B 215 -25.98 -7.48 -13.54
N GLN B 216 -26.54 -7.73 -14.74
CA GLN B 216 -27.40 -8.90 -14.99
C GLN B 216 -26.64 -10.22 -14.83
N VAL B 217 -25.32 -10.24 -15.06
CA VAL B 217 -24.56 -11.48 -14.87
C VAL B 217 -24.71 -11.93 -13.41
N SER B 218 -24.36 -11.07 -12.45
CA SER B 218 -24.43 -11.43 -11.04
C SER B 218 -25.89 -11.60 -10.59
N GLU B 219 -26.80 -10.75 -11.07
CA GLU B 219 -28.23 -10.82 -10.69
C GLU B 219 -28.82 -12.16 -11.15
N ARG B 220 -28.48 -12.60 -12.36
CA ARG B 220 -29.14 -13.80 -12.89
C ARG B 220 -28.56 -15.07 -12.24
N ILE B 221 -27.30 -15.04 -11.80
CA ILE B 221 -26.76 -16.16 -11.01
C ILE B 221 -27.41 -16.17 -9.63
N MET B 222 -27.63 -14.99 -9.03
CA MET B 222 -28.35 -14.91 -7.78
C MET B 222 -29.76 -15.51 -7.96
N ASP B 223 -30.41 -15.22 -9.09
CA ASP B 223 -31.76 -15.77 -9.43
C ASP B 223 -31.70 -17.31 -9.38
N LEU B 224 -30.66 -17.89 -9.99
CA LEU B 224 -30.49 -19.38 -10.00
C LEU B 224 -30.31 -19.90 -8.56
N LEU B 225 -29.45 -19.26 -7.76
CA LEU B 225 -29.05 -19.82 -6.45
C LEU B 225 -30.13 -19.63 -5.38
N GLY B 226 -31.05 -18.68 -5.59
CA GLY B 226 -32.15 -18.33 -4.68
C GLY B 226 -31.65 -17.91 -3.32
N ASP B 227 -32.12 -18.60 -2.27
CA ASP B 227 -31.86 -18.17 -0.90
C ASP B 227 -30.46 -18.60 -0.42
N ARG B 228 -29.64 -19.20 -1.29
CA ARG B 228 -28.23 -19.51 -1.00
C ARG B 228 -27.38 -18.22 -0.93
N VAL B 229 -27.88 -17.13 -1.53
CA VAL B 229 -27.20 -15.83 -1.47
C VAL B 229 -27.73 -15.03 -0.30
N LYS B 230 -26.84 -14.61 0.60
CA LYS B 230 -27.17 -13.87 1.79
C LYS B 230 -26.59 -12.47 1.64
N LEU B 231 -27.48 -11.49 1.46
CA LEU B 231 -27.12 -10.10 1.30
C LEU B 231 -27.00 -9.45 2.69
N GLU B 232 -26.23 -8.36 2.78
CA GLU B 232 -25.91 -7.68 4.06
C GLU B 232 -25.39 -8.66 5.11
N ARG B 233 -24.47 -9.52 4.67
CA ARG B 233 -23.71 -10.42 5.50
C ARG B 233 -22.21 -10.14 5.30
N PRO B 234 -21.67 -9.03 5.82
CA PRO B 234 -20.23 -8.82 5.77
C PRO B 234 -19.53 -9.86 6.66
N VAL B 235 -18.56 -10.59 6.10
CA VAL B 235 -17.74 -11.56 6.86
C VAL B 235 -16.72 -10.77 7.71
N ILE B 236 -16.67 -11.10 9.02
CA ILE B 236 -15.76 -10.45 10.00
C ILE B 236 -14.71 -11.43 10.56
N TYR B 237 -14.94 -12.75 10.45
CA TYR B 237 -14.15 -13.71 11.23
C TYR B 237 -14.17 -15.07 10.54
N ILE B 238 -12.99 -15.64 10.34
CA ILE B 238 -12.82 -16.98 9.81
C ILE B 238 -11.91 -17.78 10.75
N ASP B 239 -12.42 -18.95 11.19
CA ASP B 239 -11.76 -19.81 12.19
C ASP B 239 -11.53 -21.19 11.56
N GLN B 240 -10.25 -21.56 11.40
CA GLN B 240 -9.90 -22.83 10.79
C GLN B 240 -9.26 -23.78 11.81
N THR B 241 -9.48 -23.54 13.11
CA THR B 241 -8.85 -24.38 14.13
C THR B 241 -9.51 -25.76 14.20
N ARG B 242 -10.82 -25.85 13.89
CA ARG B 242 -11.60 -27.10 14.11
C ARG B 242 -11.73 -27.90 12.81
N GLU B 243 -12.54 -28.97 12.89
CA GLU B 243 -12.83 -29.93 11.83
C GLU B 243 -13.37 -29.23 10.58
N ASN B 244 -14.42 -28.42 10.78
CA ASN B 244 -15.06 -27.62 9.72
C ASN B 244 -14.67 -26.16 9.91
N VAL B 245 -14.65 -25.39 8.82
CA VAL B 245 -14.33 -23.96 8.85
C VAL B 245 -15.56 -23.21 9.36
N LEU B 246 -15.35 -22.27 10.28
CA LEU B 246 -16.42 -21.44 10.79
C LEU B 246 -16.27 -20.03 10.23
N VAL B 247 -17.34 -19.50 9.66
CA VAL B 247 -17.36 -18.14 9.09
C VAL B 247 -18.45 -17.33 9.79
N GLU B 248 -18.05 -16.20 10.39
CA GLU B 248 -18.96 -15.34 11.11
C GLU B 248 -19.15 -14.02 10.36
N THR B 249 -20.38 -13.51 10.39
CA THR B 249 -20.78 -12.25 9.77
C THR B 249 -21.05 -11.19 10.85
N LEU B 250 -21.10 -9.93 10.40
CA LEU B 250 -21.26 -8.76 11.25
C LEU B 250 -22.63 -8.79 11.95
N ASN B 251 -23.65 -9.31 11.26
CA ASN B 251 -25.03 -9.37 11.77
C ASN B 251 -25.26 -10.64 12.60
N HIS B 252 -24.17 -11.25 13.09
CA HIS B 252 -24.19 -12.22 14.20
C HIS B 252 -24.58 -13.63 13.74
N GLU B 253 -24.40 -13.95 12.47
CA GLU B 253 -24.68 -15.29 11.96
C GLU B 253 -23.38 -16.08 11.82
N MET B 254 -23.51 -17.41 11.93
CA MET B 254 -22.39 -18.33 11.85
C MET B 254 -22.67 -19.37 10.76
N TYR B 255 -21.66 -19.60 9.92
CA TYR B 255 -21.73 -20.54 8.81
C TYR B 255 -20.58 -21.53 8.97
N GLU B 256 -20.87 -22.80 8.66
CA GLU B 256 -19.97 -23.91 8.86
C GLU B 256 -19.82 -24.59 7.49
N ALA B 257 -18.57 -24.82 7.06
CA ALA B 257 -18.31 -25.44 5.75
C ALA B 257 -16.99 -26.20 5.76
N LYS B 258 -16.81 -27.03 4.73
CA LYS B 258 -15.61 -27.81 4.52
C LYS B 258 -14.50 -26.94 3.90
N TYR B 259 -14.91 -25.99 3.06
CA TYR B 259 -13.95 -25.07 2.40
C TYR B 259 -14.55 -23.68 2.26
N VAL B 260 -13.67 -22.68 2.04
CA VAL B 260 -14.04 -21.30 1.81
C VAL B 260 -13.36 -20.81 0.53
N ILE B 261 -14.10 -20.02 -0.27
CA ILE B 261 -13.52 -19.23 -1.36
C ILE B 261 -13.59 -17.76 -0.97
N SER B 262 -12.42 -17.10 -0.94
CA SER B 262 -12.32 -15.65 -0.77
C SER B 262 -12.39 -14.99 -2.15
N ALA B 263 -13.51 -14.33 -2.48
CA ALA B 263 -13.71 -13.75 -3.83
C ALA B 263 -13.81 -12.23 -3.71
N ILE B 264 -12.96 -11.65 -2.84
CA ILE B 264 -12.96 -10.21 -2.56
C ILE B 264 -11.60 -9.66 -3.00
N PRO B 265 -11.47 -8.36 -3.32
CA PRO B 265 -10.16 -7.78 -3.59
C PRO B 265 -9.16 -8.12 -2.49
N PRO B 266 -7.88 -8.41 -2.82
CA PRO B 266 -6.91 -8.86 -1.82
C PRO B 266 -6.87 -8.01 -0.55
N THR B 267 -6.80 -6.70 -0.68
CA THR B 267 -6.64 -5.83 0.48
C THR B 267 -7.87 -5.92 1.40
N LEU B 268 -9.06 -6.24 0.84
CA LEU B 268 -10.27 -6.28 1.67
C LEU B 268 -10.29 -7.53 2.57
N GLY B 269 -9.34 -8.45 2.36
CA GLY B 269 -9.04 -9.49 3.36
C GLY B 269 -8.72 -8.93 4.74
N MET B 270 -8.25 -7.68 4.79
CA MET B 270 -7.91 -7.06 6.06
C MET B 270 -9.15 -6.89 6.96
N LYS B 271 -10.36 -6.89 6.37
CA LYS B 271 -11.59 -6.65 7.13
C LYS B 271 -12.03 -7.90 7.90
N ILE B 272 -11.33 -9.01 7.67
CA ILE B 272 -11.61 -10.28 8.30
C ILE B 272 -10.53 -10.56 9.35
N HIS B 273 -10.96 -10.94 10.56
CA HIS B 273 -10.07 -11.41 11.63
C HIS B 273 -9.90 -12.93 11.48
N PHE B 274 -8.65 -13.39 11.45
CA PHE B 274 -8.35 -14.78 11.16
C PHE B 274 -7.84 -15.52 12.40
N ASN B 275 -8.27 -16.78 12.54
CA ASN B 275 -7.83 -17.69 13.58
C ASN B 275 -7.59 -19.06 12.95
N PRO B 276 -6.36 -19.60 12.97
CA PRO B 276 -5.15 -18.95 13.43
C PRO B 276 -4.79 -17.75 12.57
N PRO B 277 -3.82 -16.90 12.97
CA PRO B 277 -3.43 -15.76 12.14
C PRO B 277 -3.01 -16.24 10.75
N LEU B 278 -3.12 -15.37 9.74
CA LEU B 278 -2.58 -15.70 8.44
C LEU B 278 -1.07 -15.89 8.53
N PRO B 279 -0.48 -16.68 7.61
CA PRO B 279 0.96 -16.77 7.45
C PRO B 279 1.54 -15.37 7.17
N MET B 280 2.80 -15.15 7.60
CA MET B 280 3.50 -13.87 7.53
C MET B 280 3.34 -13.18 6.17
N MET B 281 3.58 -13.92 5.07
CA MET B 281 3.68 -13.26 3.74
C MET B 281 2.30 -12.72 3.31
N ARG B 282 1.23 -13.48 3.55
CA ARG B 282 -0.12 -12.95 3.25
C ARG B 282 -0.51 -11.83 4.22
N ASN B 283 -0.18 -11.97 5.52
CA ASN B 283 -0.46 -10.96 6.53
C ASN B 283 0.02 -9.60 6.02
N GLN B 284 1.25 -9.56 5.49
CA GLN B 284 1.82 -8.27 5.02
C GLN B 284 1.33 -7.93 3.61
N MET B 285 1.16 -8.91 2.72
CA MET B 285 0.73 -8.67 1.31
C MET B 285 -0.54 -7.82 1.26
N ILE B 286 -1.51 -8.12 2.14
CA ILE B 286 -2.87 -7.56 2.04
C ILE B 286 -2.88 -6.12 2.55
N THR B 287 -1.72 -5.61 3.02
CA THR B 287 -1.56 -4.20 3.37
C THR B 287 -0.82 -3.42 2.28
N ARG B 288 -0.42 -4.09 1.20
CA ARG B 288 0.53 -3.52 0.22
C ARG B 288 -0.09 -3.35 -1.18
N VAL B 289 -1.41 -3.58 -1.32
CA VAL B 289 -2.03 -3.78 -2.64
C VAL B 289 -3.32 -2.95 -2.75
N PRO B 290 -3.21 -1.63 -2.97
CA PRO B 290 -4.37 -0.76 -3.08
C PRO B 290 -5.08 -0.88 -4.44
N LEU B 291 -6.30 -0.32 -4.50
CA LEU B 291 -7.03 -0.16 -5.75
C LEU B 291 -6.96 1.32 -6.19
N GLY B 292 -7.10 1.52 -7.49
CA GLY B 292 -7.05 2.82 -8.09
C GLY B 292 -8.27 3.68 -7.79
N SER B 293 -8.27 4.88 -8.38
CA SER B 293 -9.22 5.92 -8.11
C SER B 293 -9.88 6.37 -9.41
N VAL B 294 -11.22 6.35 -9.45
CA VAL B 294 -11.95 6.71 -10.65
C VAL B 294 -13.39 7.11 -10.29
N ILE B 295 -13.91 8.06 -11.10
CA ILE B 295 -15.31 8.43 -11.16
C ILE B 295 -15.77 8.13 -12.59
N LYS B 296 -16.80 7.29 -12.74
CA LYS B 296 -17.37 7.07 -14.03
C LYS B 296 -18.60 7.97 -14.19
N CYS B 297 -18.64 8.73 -15.29
CA CYS B 297 -19.57 9.83 -15.52
C CYS B 297 -20.26 9.63 -16.88
N ILE B 298 -21.61 9.70 -16.89
CA ILE B 298 -22.37 9.59 -18.14
C ILE B 298 -23.29 10.82 -18.30
N VAL B 299 -23.04 11.59 -19.38
CA VAL B 299 -23.83 12.77 -19.77
C VAL B 299 -24.75 12.37 -20.94
N TYR B 300 -26.06 12.61 -20.74
CA TYR B 300 -27.14 12.29 -21.69
C TYR B 300 -27.53 13.54 -22.48
N TYR B 301 -27.83 13.32 -23.77
CA TYR B 301 -28.25 14.33 -24.70
C TYR B 301 -29.50 13.87 -25.46
N LYS B 302 -30.19 14.83 -26.09
CA LYS B 302 -31.38 14.56 -26.89
C LYS B 302 -31.05 13.64 -28.08
N GLU B 303 -29.91 13.88 -28.76
CA GLU B 303 -29.45 13.07 -29.90
C GLU B 303 -27.94 12.83 -29.82
N PRO B 304 -27.40 11.80 -30.52
CA PRO B 304 -25.95 11.59 -30.64
C PRO B 304 -25.38 12.53 -31.71
N PHE B 305 -25.37 13.83 -31.38
CA PHE B 305 -25.17 14.91 -32.36
C PHE B 305 -23.76 14.85 -32.97
N TRP B 306 -22.81 14.25 -32.25
CA TRP B 306 -21.44 14.12 -32.72
C TRP B 306 -21.35 13.30 -34.02
N ARG B 307 -22.24 12.32 -34.21
CA ARG B 307 -22.22 11.49 -35.39
C ARG B 307 -22.46 12.33 -36.67
N LYS B 308 -23.21 13.43 -36.55
CA LYS B 308 -23.53 14.30 -37.71
C LYS B 308 -22.27 15.00 -38.22
N LYS B 309 -21.26 15.18 -37.37
CA LYS B 309 -19.98 15.77 -37.74
C LYS B 309 -18.92 14.69 -38.05
N ASP B 310 -19.34 13.42 -38.23
CA ASP B 310 -18.44 12.30 -38.53
C ASP B 310 -17.43 12.09 -37.38
N TYR B 311 -17.91 12.22 -36.14
CA TYR B 311 -17.19 11.80 -34.96
C TYR B 311 -17.96 10.66 -34.27
N CYS B 312 -17.25 9.64 -33.77
CA CYS B 312 -17.94 8.47 -33.17
C CYS B 312 -18.28 8.74 -31.69
N GLY B 313 -17.64 9.72 -31.05
CA GLY B 313 -17.85 9.98 -29.63
C GLY B 313 -16.64 9.62 -28.76
N THR B 314 -15.68 8.90 -29.35
CA THR B 314 -14.40 8.62 -28.71
C THR B 314 -13.55 9.90 -28.69
N MET B 315 -13.11 10.29 -27.50
CA MET B 315 -12.19 11.40 -27.34
C MET B 315 -11.02 10.97 -26.45
N ILE B 316 -9.80 11.30 -26.90
CA ILE B 316 -8.57 11.10 -26.12
C ILE B 316 -8.02 12.51 -25.86
N ILE B 317 -8.05 12.91 -24.59
CA ILE B 317 -7.86 14.32 -24.25
C ILE B 317 -6.62 14.47 -23.36
N ASP B 318 -5.57 15.07 -23.92
CA ASP B 318 -4.28 15.24 -23.22
C ASP B 318 -4.40 16.38 -22.20
N GLY B 319 -3.54 16.34 -21.18
CA GLY B 319 -3.21 17.53 -20.39
C GLY B 319 -3.89 17.53 -19.02
N GLU B 320 -3.37 18.41 -18.15
CA GLU B 320 -3.76 18.47 -16.76
C GLU B 320 -5.15 19.09 -16.57
N GLU B 321 -5.51 20.03 -17.43
CA GLU B 321 -6.68 20.88 -17.22
C GLU B 321 -7.98 20.08 -17.43
N ALA B 322 -7.98 19.15 -18.39
CA ALA B 322 -9.16 18.34 -18.75
C ALA B 322 -9.57 17.45 -17.58
N PRO B 323 -10.82 17.50 -17.09
CA PRO B 323 -11.24 16.59 -16.02
C PRO B 323 -11.29 15.12 -16.47
N VAL B 324 -11.58 14.90 -17.74
CA VAL B 324 -11.77 13.60 -18.33
C VAL B 324 -10.73 13.42 -19.43
N ALA B 325 -9.99 12.30 -19.42
CA ALA B 325 -8.96 12.05 -20.42
C ALA B 325 -9.49 11.16 -21.56
N TYR B 326 -10.63 10.50 -21.34
CA TYR B 326 -11.10 9.50 -22.31
C TYR B 326 -12.61 9.38 -22.26
N THR B 327 -13.24 9.34 -23.44
CA THR B 327 -14.67 9.11 -23.57
C THR B 327 -14.97 8.08 -24.66
N LEU B 328 -16.16 7.46 -24.53
CA LEU B 328 -16.79 6.63 -25.53
C LEU B 328 -18.26 7.02 -25.65
N ASP B 329 -18.83 6.81 -26.84
CA ASP B 329 -20.26 6.88 -27.10
C ASP B 329 -20.95 5.82 -26.24
N ASP B 330 -21.92 6.24 -25.40
CA ASP B 330 -22.68 5.31 -24.55
C ASP B 330 -24.16 5.18 -25.00
N THR B 331 -24.47 5.67 -26.21
CA THR B 331 -25.83 5.60 -26.78
C THR B 331 -26.27 4.14 -26.86
N LYS B 332 -27.55 3.88 -26.58
CA LYS B 332 -28.12 2.52 -26.70
C LYS B 332 -28.03 2.05 -28.15
N PRO B 333 -28.04 0.72 -28.38
CA PRO B 333 -27.91 0.20 -29.73
C PRO B 333 -29.03 0.72 -30.66
N GLU B 334 -30.18 1.06 -30.07
CA GLU B 334 -31.35 1.49 -30.82
C GLU B 334 -31.18 2.94 -31.28
N GLY B 335 -30.16 3.64 -30.77
CA GLY B 335 -29.86 5.00 -31.20
C GLY B 335 -30.47 6.04 -30.29
N ASN B 336 -31.12 5.59 -29.21
CA ASN B 336 -31.78 6.47 -28.27
C ASN B 336 -30.98 6.48 -26.95
N TYR B 337 -31.44 7.29 -26.00
CA TYR B 337 -30.71 7.61 -24.76
C TYR B 337 -29.27 8.01 -25.10
N ALA B 338 -29.13 8.92 -26.07
CA ALA B 338 -27.80 9.38 -26.51
C ALA B 338 -26.98 9.83 -25.30
N ALA B 339 -25.69 9.46 -25.29
CA ALA B 339 -24.86 9.71 -24.13
C ALA B 339 -23.37 9.57 -24.46
N ILE B 340 -22.56 10.30 -23.66
CA ILE B 340 -21.10 10.21 -23.65
C ILE B 340 -20.68 9.72 -22.26
N MET B 341 -19.89 8.65 -22.22
CA MET B 341 -19.28 8.13 -20.98
C MET B 341 -17.84 8.65 -20.89
N GLY B 342 -17.46 9.18 -19.72
CA GLY B 342 -16.09 9.62 -19.48
C GLY B 342 -15.58 9.12 -18.14
N PHE B 343 -14.26 8.94 -18.02
CA PHE B 343 -13.62 8.56 -16.78
C PHE B 343 -12.81 9.75 -16.24
N ILE B 344 -13.01 10.07 -14.96
CA ILE B 344 -12.16 11.02 -14.22
C ILE B 344 -11.15 10.18 -13.44
N LEU B 345 -9.85 10.34 -13.72
CA LEU B 345 -8.82 9.33 -13.37
C LEU B 345 -7.87 9.79 -12.27
N ALA B 346 -7.53 8.86 -11.35
CA ALA B 346 -6.35 8.97 -10.49
C ALA B 346 -6.41 10.30 -9.70
N HIS B 347 -5.38 11.17 -9.77
CA HIS B 347 -5.39 12.35 -8.89
C HIS B 347 -6.58 13.27 -9.19
N LYS B 348 -7.11 13.24 -10.42
CA LYS B 348 -8.23 14.10 -10.78
C LYS B 348 -9.51 13.60 -10.10
N ALA B 349 -9.64 12.29 -9.91
CA ALA B 349 -10.79 11.75 -9.16
C ALA B 349 -10.75 12.31 -7.73
N ARG B 350 -9.56 12.35 -7.16
CA ARG B 350 -9.34 12.83 -5.78
C ARG B 350 -9.67 14.33 -5.70
N LYS B 351 -9.20 15.10 -6.69
CA LYS B 351 -9.39 16.55 -6.70
C LYS B 351 -10.86 16.93 -6.93
N LEU B 352 -11.49 16.33 -7.95
CA LEU B 352 -12.80 16.79 -8.43
C LEU B 352 -13.95 16.22 -7.59
N ALA B 353 -13.66 15.22 -6.75
CA ALA B 353 -14.66 14.66 -5.84
C ALA B 353 -15.14 15.73 -4.86
N ARG B 354 -14.34 16.77 -4.63
CA ARG B 354 -14.68 17.83 -3.67
C ARG B 354 -15.79 18.76 -4.21
N LEU B 355 -16.07 18.69 -5.52
CA LEU B 355 -17.12 19.50 -6.15
C LEU B 355 -18.49 18.84 -5.94
N THR B 356 -19.55 19.57 -6.31
CA THR B 356 -20.89 19.00 -6.39
C THR B 356 -21.06 18.28 -7.73
N LYS B 357 -22.08 17.41 -7.77
CA LYS B 357 -22.51 16.71 -8.96
C LYS B 357 -22.77 17.70 -10.10
N GLU B 358 -23.45 18.82 -9.79
CA GLU B 358 -23.81 19.84 -10.77
C GLU B 358 -22.55 20.53 -11.31
N GLU B 359 -21.57 20.76 -10.42
CA GLU B 359 -20.31 21.38 -10.80
C GLU B 359 -19.50 20.47 -11.73
N ARG B 360 -19.47 19.16 -11.46
CA ARG B 360 -18.81 18.20 -12.34
C ARG B 360 -19.51 18.17 -13.72
N LEU B 361 -20.85 18.18 -13.73
CA LEU B 361 -21.62 18.15 -15.01
C LEU B 361 -21.23 19.33 -15.89
N LYS B 362 -21.19 20.54 -15.30
CA LYS B 362 -20.82 21.77 -16.02
C LYS B 362 -19.42 21.62 -16.62
N LYS B 363 -18.45 21.13 -15.84
CA LYS B 363 -17.04 21.01 -16.29
C LYS B 363 -16.96 20.03 -17.48
N LEU B 364 -17.70 18.92 -17.37
CA LEU B 364 -17.70 17.92 -18.43
C LEU B 364 -18.33 18.46 -19.73
N CYS B 365 -19.49 19.12 -19.60
CA CYS B 365 -20.19 19.67 -20.76
C CYS B 365 -19.32 20.70 -21.48
N GLU B 366 -18.66 21.59 -20.73
CA GLU B 366 -17.81 22.61 -21.38
C GLU B 366 -16.61 21.96 -22.08
N LEU B 367 -16.00 20.92 -21.49
CA LEU B 367 -14.91 20.18 -22.12
C LEU B 367 -15.39 19.56 -23.43
N TYR B 368 -16.53 18.86 -23.39
CA TYR B 368 -17.02 18.16 -24.55
C TYR B 368 -17.37 19.14 -25.67
N ALA B 369 -17.92 20.31 -25.32
CA ALA B 369 -18.25 21.33 -26.32
C ALA B 369 -16.97 21.75 -27.05
N LYS B 370 -15.87 21.92 -26.31
CA LYS B 370 -14.60 22.33 -26.89
C LYS B 370 -14.06 21.24 -27.82
N VAL B 371 -14.05 19.99 -27.34
CA VAL B 371 -13.40 18.92 -28.04
C VAL B 371 -14.22 18.49 -29.27
N LEU B 372 -15.54 18.40 -29.11
CA LEU B 372 -16.46 18.04 -30.22
C LEU B 372 -16.74 19.26 -31.12
N GLY B 373 -16.39 20.46 -30.68
CA GLY B 373 -16.67 21.67 -31.44
C GLY B 373 -18.17 21.91 -31.64
N SER B 374 -18.97 21.71 -30.59
CA SER B 374 -20.41 21.78 -30.71
C SER B 374 -21.05 22.37 -29.45
N LEU B 375 -21.88 23.40 -29.65
CA LEU B 375 -22.64 23.99 -28.59
C LEU B 375 -23.69 23.02 -28.06
N GLU B 376 -24.03 21.98 -28.83
CA GLU B 376 -25.05 21.02 -28.39
C GLU B 376 -24.59 20.32 -27.10
N ALA B 377 -23.28 20.22 -26.86
CA ALA B 377 -22.72 19.55 -25.67
C ALA B 377 -23.07 20.31 -24.38
N LEU B 378 -23.47 21.58 -24.51
CA LEU B 378 -23.79 22.41 -23.34
C LEU B 378 -25.25 22.23 -22.90
N GLU B 379 -26.02 21.36 -23.57
CA GLU B 379 -27.46 21.14 -23.26
C GLU B 379 -27.73 19.69 -22.86
N PRO B 380 -27.17 19.21 -21.73
CA PRO B 380 -27.44 17.85 -21.27
C PRO B 380 -28.90 17.73 -20.81
N VAL B 381 -29.47 16.53 -20.93
CA VAL B 381 -30.84 16.26 -20.48
C VAL B 381 -30.83 15.44 -19.18
N HIS B 382 -29.70 14.82 -18.84
CA HIS B 382 -29.56 13.99 -17.66
C HIS B 382 -28.08 13.69 -17.42
N TYR B 383 -27.76 13.27 -16.19
CA TYR B 383 -26.40 12.98 -15.75
C TYR B 383 -26.45 11.86 -14.70
N GLU B 384 -25.55 10.88 -14.81
CA GLU B 384 -25.33 9.85 -13.78
C GLU B 384 -23.82 9.73 -13.57
N GLU B 385 -23.40 9.48 -12.33
CA GLU B 385 -21.99 9.26 -12.02
C GLU B 385 -21.86 8.32 -10.83
N LYS B 386 -20.66 7.74 -10.69
CA LYS B 386 -20.33 6.95 -9.51
C LYS B 386 -18.83 7.09 -9.23
N ASN B 387 -18.53 7.50 -7.99
CA ASN B 387 -17.21 7.61 -7.44
C ASN B 387 -16.87 6.33 -6.67
N TRP B 388 -16.01 5.48 -7.24
CA TRP B 388 -15.72 4.19 -6.65
C TRP B 388 -14.74 4.29 -5.47
N CYS B 389 -14.11 5.45 -5.27
CA CYS B 389 -13.20 5.66 -4.16
C CYS B 389 -13.94 5.62 -2.81
N GLU B 390 -15.25 5.85 -2.83
CA GLU B 390 -15.98 5.98 -1.57
C GLU B 390 -16.50 4.61 -1.07
N GLU B 391 -16.29 3.53 -1.84
CA GLU B 391 -16.89 2.22 -1.52
C GLU B 391 -16.06 1.43 -0.50
N GLN B 392 -16.64 1.20 0.69
CA GLN B 392 -16.04 0.40 1.75
C GLN B 392 -15.71 -1.01 1.27
N TYR B 393 -16.60 -1.63 0.47
CA TYR B 393 -16.44 -3.03 0.11
C TYR B 393 -15.92 -3.21 -1.32
N SER B 394 -15.36 -2.16 -1.94
CA SER B 394 -14.52 -2.28 -3.15
C SER B 394 -13.09 -1.78 -2.90
N GLY B 395 -12.96 -0.58 -2.31
CA GLY B 395 -11.66 0.07 -2.07
C GLY B 395 -11.20 0.97 -3.21
N GLY B 396 -11.91 0.90 -4.35
CA GLY B 396 -11.56 1.63 -5.57
C GLY B 396 -11.97 0.86 -6.82
N CYS B 397 -11.47 1.31 -7.98
CA CYS B 397 -11.67 0.65 -9.28
C CYS B 397 -10.56 1.15 -10.21
N TYR B 398 -10.29 0.46 -11.33
CA TYR B 398 -10.98 -0.76 -11.74
C TYR B 398 -10.50 -1.96 -10.90
N THR B 399 -9.22 -1.96 -10.53
CA THR B 399 -8.60 -3.14 -9.92
C THR B 399 -7.46 -2.74 -8.97
N THR B 400 -6.84 -3.76 -8.39
CA THR B 400 -5.65 -3.63 -7.54
C THR B 400 -4.40 -3.32 -8.37
N TYR B 401 -3.62 -2.31 -7.96
CA TYR B 401 -2.31 -2.06 -8.55
C TYR B 401 -1.21 -2.40 -7.54
N PHE B 402 -0.01 -2.65 -8.07
CA PHE B 402 1.17 -3.05 -7.27
C PHE B 402 2.20 -1.93 -7.30
N PRO B 403 2.48 -1.28 -6.14
CA PRO B 403 3.58 -0.31 -6.04
C PRO B 403 4.94 -0.98 -6.26
N PRO B 404 6.00 -0.17 -6.46
CA PRO B 404 7.33 -0.74 -6.69
C PRO B 404 7.77 -1.67 -5.54
N GLY B 405 8.27 -2.83 -5.96
CA GLY B 405 8.90 -3.82 -5.10
C GLY B 405 7.97 -4.90 -4.60
N ILE B 406 6.64 -4.76 -4.80
CA ILE B 406 5.70 -5.61 -4.08
C ILE B 406 5.45 -6.91 -4.86
N LEU B 407 5.36 -6.85 -6.19
CA LEU B 407 4.96 -8.04 -7.00
C LEU B 407 6.03 -9.15 -6.89
N THR B 408 7.32 -8.77 -6.94
CA THR B 408 8.38 -9.78 -6.81
C THR B 408 8.40 -10.37 -5.39
N GLN B 409 8.19 -9.56 -4.36
CA GLN B 409 8.33 -10.02 -2.96
C GLN B 409 7.10 -10.79 -2.49
N TYR B 410 5.90 -10.44 -2.98
CA TYR B 410 4.64 -10.95 -2.40
C TYR B 410 3.71 -11.58 -3.46
N GLY B 411 4.03 -11.48 -4.75
CA GLY B 411 3.12 -11.88 -5.84
C GLY B 411 2.74 -13.36 -5.80
N ARG B 412 3.70 -14.19 -5.41
CA ARG B 412 3.49 -15.64 -5.34
C ARG B 412 2.38 -16.01 -4.34
N VAL B 413 2.10 -15.15 -3.35
CA VAL B 413 1.16 -15.53 -2.29
C VAL B 413 -0.29 -15.26 -2.74
N LEU B 414 -0.52 -14.55 -3.86
CA LEU B 414 -1.91 -14.09 -4.14
C LEU B 414 -2.88 -15.26 -4.27
N ARG B 415 -2.51 -16.34 -4.97
CA ARG B 415 -3.50 -17.43 -5.07
C ARG B 415 -3.10 -18.68 -4.27
N GLN B 416 -2.12 -18.58 -3.37
CA GLN B 416 -1.73 -19.70 -2.56
C GLN B 416 -2.83 -19.98 -1.52
N PRO B 417 -3.42 -21.19 -1.49
CA PRO B 417 -4.42 -21.52 -0.47
C PRO B 417 -3.84 -21.37 0.95
N VAL B 418 -4.69 -20.99 1.91
CA VAL B 418 -4.37 -20.96 3.32
C VAL B 418 -5.26 -22.01 4.00
N ASP B 419 -4.70 -23.22 4.16
CA ASP B 419 -5.40 -24.37 4.72
C ASP B 419 -6.61 -24.70 3.82
N ARG B 420 -7.82 -24.34 4.25
CA ARG B 420 -9.04 -24.68 3.48
C ARG B 420 -9.68 -23.42 2.85
N ILE B 421 -8.97 -22.29 2.83
CA ILE B 421 -9.37 -21.08 2.07
C ILE B 421 -8.64 -21.03 0.74
N TYR B 422 -9.40 -20.94 -0.36
CA TYR B 422 -8.90 -20.76 -1.72
C TYR B 422 -9.27 -19.35 -2.19
N PHE B 423 -8.50 -18.80 -3.13
CA PHE B 423 -8.59 -17.37 -3.48
C PHE B 423 -9.03 -17.21 -4.93
N ALA B 424 -10.16 -16.53 -5.10
CA ALA B 424 -10.72 -16.12 -6.38
C ALA B 424 -10.54 -14.60 -6.48
N GLY B 425 -11.42 -13.93 -7.24
CA GLY B 425 -11.28 -12.50 -7.48
C GLY B 425 -10.43 -12.24 -8.72
N THR B 426 -10.79 -11.21 -9.49
CA THR B 426 -10.15 -10.93 -10.78
C THR B 426 -8.63 -10.78 -10.63
N GLU B 427 -8.17 -10.25 -9.48
CA GLU B 427 -6.74 -10.00 -9.21
C GLU B 427 -5.90 -11.30 -9.28
N THR B 428 -6.53 -12.47 -9.12
CA THR B 428 -5.83 -13.77 -9.17
C THR B 428 -5.90 -14.45 -10.55
N ALA B 429 -6.50 -13.80 -11.56
CA ALA B 429 -6.57 -14.35 -12.91
C ALA B 429 -5.21 -14.23 -13.61
N THR B 430 -5.06 -14.99 -14.71
CA THR B 430 -3.85 -14.96 -15.55
C THR B 430 -4.12 -14.43 -16.97
N HIS B 431 -5.39 -14.17 -17.29
CA HIS B 431 -5.80 -13.60 -18.58
C HIS B 431 -6.92 -12.60 -18.31
N TRP B 432 -6.71 -11.33 -18.68
CA TRP B 432 -7.62 -10.22 -18.38
C TRP B 432 -7.93 -10.12 -16.88
N SER B 433 -6.92 -10.41 -16.04
CA SER B 433 -6.93 -9.99 -14.65
C SER B 433 -7.24 -8.49 -14.60
N GLY B 434 -8.15 -8.11 -13.69
CA GLY B 434 -8.59 -6.71 -13.57
C GLY B 434 -9.94 -6.45 -14.24
N TYR B 435 -10.41 -7.41 -15.04
CA TYR B 435 -11.63 -7.30 -15.84
C TYR B 435 -12.68 -8.34 -15.37
N MET B 436 -13.89 -8.18 -15.89
CA MET B 436 -14.96 -9.17 -15.66
C MET B 436 -14.53 -10.56 -16.14
N GLU B 437 -13.82 -10.62 -17.26
CA GLU B 437 -13.28 -11.90 -17.79
C GLU B 437 -12.38 -12.59 -16.74
N GLY B 438 -11.44 -11.85 -16.15
CA GLY B 438 -10.57 -12.43 -15.11
C GLY B 438 -11.36 -12.88 -13.90
N ALA B 439 -12.44 -12.17 -13.57
CA ALA B 439 -13.28 -12.55 -12.43
C ALA B 439 -13.83 -13.98 -12.64
N VAL B 440 -14.29 -14.24 -13.86
CA VAL B 440 -14.86 -15.58 -14.20
C VAL B 440 -13.74 -16.63 -14.16
N GLU B 441 -12.62 -16.37 -14.82
CA GLU B 441 -11.48 -17.30 -14.83
C GLU B 441 -11.11 -17.69 -13.41
N ALA B 442 -10.98 -16.70 -12.52
CA ALA B 442 -10.48 -16.95 -11.16
C ALA B 442 -11.51 -17.70 -10.31
N GLY B 443 -12.79 -17.34 -10.43
CA GLY B 443 -13.86 -17.96 -9.66
C GLY B 443 -13.96 -19.44 -9.98
N GLU B 444 -13.91 -19.76 -11.27
CA GLU B 444 -14.07 -21.13 -11.74
C GLU B 444 -12.83 -21.96 -11.39
N ARG B 445 -11.63 -21.35 -11.50
CA ARG B 445 -10.37 -22.03 -11.11
C ARG B 445 -10.39 -22.36 -9.61
N ALA B 446 -10.75 -21.37 -8.77
CA ALA B 446 -10.80 -21.57 -7.32
C ALA B 446 -11.81 -22.68 -6.99
N ALA B 447 -12.95 -22.66 -7.68
CA ALA B 447 -13.97 -23.70 -7.47
C ALA B 447 -13.40 -25.09 -7.81
N ARG B 448 -12.70 -25.20 -8.93
CA ARG B 448 -12.10 -26.49 -9.37
C ARG B 448 -10.94 -26.92 -8.45
N GLU B 449 -10.19 -25.97 -7.84
CA GLU B 449 -9.19 -26.35 -6.81
C GLU B 449 -9.88 -27.13 -5.68
N ILE B 450 -11.06 -26.67 -5.26
CA ILE B 450 -11.82 -27.32 -4.17
C ILE B 450 -12.35 -28.68 -4.65
N LEU B 451 -12.87 -28.75 -5.89
CA LEU B 451 -13.32 -30.03 -6.44
C LEU B 451 -12.17 -31.04 -6.43
N HIS B 452 -10.95 -30.59 -6.76
CA HIS B 452 -9.78 -31.45 -6.74
C HIS B 452 -9.41 -31.85 -5.30
N ALA B 453 -9.42 -30.90 -4.36
CA ALA B 453 -9.12 -31.22 -2.95
C ALA B 453 -10.12 -32.27 -2.41
N MET B 454 -11.33 -32.28 -2.98
CA MET B 454 -12.38 -33.19 -2.58
C MET B 454 -12.24 -34.56 -3.26
N GLY B 455 -11.36 -34.68 -4.25
CA GLY B 455 -11.14 -35.93 -4.98
C GLY B 455 -12.07 -36.14 -6.16
N LYS B 456 -12.83 -35.10 -6.56
CA LYS B 456 -13.88 -35.20 -7.58
C LYS B 456 -13.33 -35.02 -9.00
N ILE B 457 -12.20 -34.30 -9.15
CA ILE B 457 -11.57 -34.14 -10.47
C ILE B 457 -10.06 -34.30 -10.32
N PRO B 458 -9.35 -34.68 -11.40
CA PRO B 458 -7.88 -34.72 -11.39
C PRO B 458 -7.24 -33.33 -11.42
N GLU B 459 -5.94 -33.30 -11.10
CA GLU B 459 -5.21 -32.05 -10.95
C GLU B 459 -5.19 -31.30 -12.29
N ASP B 460 -5.16 -32.04 -13.40
CA ASP B 460 -5.00 -31.44 -14.72
C ASP B 460 -6.28 -30.74 -15.18
N GLU B 461 -7.38 -30.80 -14.42
CA GLU B 461 -8.64 -30.13 -14.78
C GLU B 461 -8.89 -28.86 -13.94
N ILE B 462 -7.92 -28.48 -13.10
CA ILE B 462 -8.05 -27.27 -12.26
C ILE B 462 -8.08 -26.04 -13.17
N TRP B 463 -7.13 -25.98 -14.11
CA TRP B 463 -7.06 -24.94 -15.12
C TRP B 463 -7.64 -25.50 -16.41
N GLN B 464 -8.60 -24.78 -17.00
CA GLN B 464 -9.38 -25.26 -18.14
C GLN B 464 -9.39 -24.17 -19.24
N SER B 465 -9.08 -24.57 -20.46
CA SER B 465 -9.13 -23.67 -21.60
C SER B 465 -10.60 -23.34 -21.95
N GLU B 466 -10.81 -22.32 -22.77
CA GLU B 466 -12.15 -21.86 -23.10
C GLU B 466 -12.25 -21.73 -24.61
N PRO B 467 -13.24 -22.37 -25.25
CA PRO B 467 -13.42 -22.23 -26.70
C PRO B 467 -13.77 -20.77 -27.06
N GLU B 468 -13.34 -20.35 -28.25
CA GLU B 468 -13.59 -19.00 -28.76
C GLU B 468 -15.09 -18.78 -28.97
N SER B 469 -15.58 -17.60 -28.55
CA SER B 469 -16.95 -17.15 -28.80
C SER B 469 -17.24 -17.14 -30.31
N VAL B 470 -18.39 -17.70 -30.70
CA VAL B 470 -18.83 -17.63 -32.11
C VAL B 470 -19.39 -16.24 -32.40
N ASP B 471 -19.94 -15.57 -31.38
CA ASP B 471 -20.60 -14.27 -31.53
C ASP B 471 -19.57 -13.12 -31.58
N VAL B 472 -18.44 -13.29 -30.89
CA VAL B 472 -17.42 -12.27 -30.76
C VAL B 472 -16.06 -12.90 -31.10
N PRO B 473 -15.82 -13.27 -32.38
CA PRO B 473 -14.52 -13.83 -32.76
C PRO B 473 -13.41 -12.79 -32.72
N ALA B 474 -12.20 -13.25 -32.39
CA ALA B 474 -11.03 -12.38 -32.37
C ALA B 474 -10.33 -12.44 -33.73
N GLN B 475 -9.94 -11.27 -34.26
CA GLN B 475 -9.07 -11.18 -35.41
C GLN B 475 -7.62 -11.00 -34.92
N PRO B 476 -6.63 -11.45 -35.71
CA PRO B 476 -5.22 -11.33 -35.32
C PRO B 476 -4.78 -9.87 -35.09
N ILE B 477 -3.86 -9.66 -34.15
CA ILE B 477 -3.16 -8.37 -34.02
C ILE B 477 -2.01 -8.38 -35.03
N THR B 478 -1.91 -7.34 -35.85
CA THR B 478 -0.88 -7.29 -36.89
C THR B 478 -0.02 -6.03 -36.70
N THR B 479 1.21 -6.08 -37.22
CA THR B 479 2.12 -4.93 -37.30
C THR B 479 2.62 -4.81 -38.75
N THR B 480 3.16 -3.65 -39.11
CA THR B 480 3.81 -3.42 -40.44
C THR B 480 5.31 -3.65 -40.33
N PHE B 481 5.95 -3.79 -41.49
CA PHE B 481 7.41 -3.90 -41.57
C PHE B 481 8.08 -2.68 -40.93
N LEU B 482 7.61 -1.47 -41.26
CA LEU B 482 8.19 -0.23 -40.70
C LEU B 482 8.01 -0.17 -39.17
N GLU B 483 6.81 -0.52 -38.68
CA GLU B 483 6.55 -0.54 -37.24
C GLU B 483 7.57 -1.45 -36.54
N ARG B 484 7.89 -2.61 -37.13
CA ARG B 484 8.78 -3.59 -36.51
C ARG B 484 10.24 -3.11 -36.56
N HIS B 485 10.63 -2.36 -37.60
CA HIS B 485 12.07 -2.16 -37.91
C HIS B 485 12.53 -0.69 -37.86
N LEU B 486 11.63 0.30 -37.79
CA LEU B 486 12.13 1.65 -37.67
C LEU B 486 12.90 1.78 -36.37
N PRO B 487 14.00 2.57 -36.38
CA PRO B 487 14.82 2.77 -35.19
C PRO B 487 14.09 3.65 -34.15
N SER B 488 14.49 3.49 -32.90
CA SER B 488 14.16 4.42 -31.82
C SER B 488 14.91 5.75 -32.04
N VAL B 489 14.62 6.76 -31.23
CA VAL B 489 15.36 8.04 -31.29
C VAL B 489 16.83 7.79 -30.97
N PRO B 490 17.21 7.19 -29.81
CA PRO B 490 18.63 6.95 -29.52
C PRO B 490 19.27 6.01 -30.55
N GLY B 491 18.47 5.08 -31.08
CA GLY B 491 18.84 4.22 -32.22
C GLY B 491 19.29 5.03 -33.42
N LEU B 492 18.48 6.01 -33.83
CA LEU B 492 18.81 6.88 -34.95
C LEU B 492 20.06 7.71 -34.63
N LEU B 493 20.23 8.09 -33.35
CA LEU B 493 21.37 8.92 -32.96
C LEU B 493 22.68 8.11 -32.99
N ARG B 494 22.62 6.82 -32.65
CA ARG B 494 23.79 5.94 -32.76
C ARG B 494 24.21 5.79 -34.23
N LEU B 495 23.23 5.66 -35.12
CA LEU B 495 23.48 5.63 -36.57
C LEU B 495 24.19 6.92 -37.02
N ILE B 496 24.11 7.99 -36.22
CA ILE B 496 24.74 9.29 -36.50
C ILE B 496 25.80 9.58 -35.42
#